data_9CET
#
_entry.id   9CET
#
loop_
_entity.id
_entity.type
_entity.pdbx_description
1 polymer 'DNA (28-MER)'
2 polymer 'Maltose/maltodextrin-binding periplasmic protein,Guillardia theta Fanzor1'
3 polymer "DNA (5'-D(P*AP*TP*GP*AP*CP*TP*TP*CP*TP*CP*TP*TP*AP*AP*AP*GP*GP*CP*CP*CP*CP*GP*GP*G)-3')"
4 polymer 'RNA (142-MER)'
5 non-polymer 'ZINC ION'
#
loop_
_entity_poly.entity_id
_entity_poly.type
_entity_poly.pdbx_seq_one_letter_code
_entity_poly.pdbx_strand_id
1 'polydeoxyribonucleotide'
;(DG)(DA)(DC)(DC)(DA)(DT)(DG)(DA)(DT)(DT)(DA)(DC)(DG)(DC)(DC)(DA)(DA)(DG)(DC)(DT)
(DT)(DT)(DT)(DT)(DA)(DA)(DG)(DA)(DG)(DT)(DG)(DG)(DC)(DC)(DT)(DT)(DA)(DT)(DT)(DA)
(DA)(DA)(DT)(DG)(DA)(DC)(DT)(DT)(DC)(DT)(DC)(DC)(DT)(DT)(DA)(DA)(DA)(DT)(DG)(DC)
(DC)(DC)(DG)(DG)(DG)(DT)(DA)(DC)(DC)(DG)(DA)(DG)(DC)(DT)(DC)(DG)(DA)(DA)(DT)(DT)
(DC)
;
N
2 'polypeptide(L)'
;MKSSHHHHHHHHHHGSSMKIEEGKLVIWINGDKGYNGLAEVGKKFEKDTGIKVTVEHPDKLEEKFPQVAATGDGPDIIFW
AHDRFGGYAQSGLLAEITPDKAFQDKLYPFTWDAVRYNGKLIAYPIAVEALSLIYNKDLLPNPPKTWEEIPALDKELKAK
GKSALMFNLQEPYFTWPLIAADGGYAFKYENGKYDIKDVGVDNAGAKAGLTFLVDLIKNKHMNADTDYSIAEAAFNKGET
AMTINGPWAWSNIDTSKVNYGVTVLPTFKGQPSKPFVGVLSAGINAASPNKELAKEFLENYLLTDEGLEAVNKDKPLGAV
ALKSYEEELAKDPRIAATMENAQKGEIMPNIPQMSAFWYAVRTAVINAASGRQTVDEALKDAQTNSSSNNNNNNNNNNLG
IEENLYFQSNASNIRIVKRKAKGFFKCEDLVTIKDAVKAAHRIMSDASILVRSYYLRWFQSSYPLDSDDKELELEHFHIS
MACSIVQGITRPPVRGVGPEQSVKIDVFNDMLDEYKRLYERAPNDKENETDLSLSHVLAYSIDNLLTAYKNNIEAHFSKY
VKRFIRCDMLAKGFNKSEANRVAAIYTNAYIYDSSLDLEPDFMERLGLEATSYSSLFPSKINKGGFPRVYDLKANPWVYL
PKMVMINQALETDFSSVEHKERRLLNPLPFYSSFVPMHIRIDTSGLSQLLMTKDRLDDFKRSYLAEFGVSLNIKNKGDML
ASFEKIFGRKATSNREAGLYATEMWSFLTNLKTCRQWKELDGVVRKNDPKGTQWMFDNAVVTDGVSISFQVIDNSMFGRK
AFSGRKKRVACQEANDEEDSKQVTREELKTSKLLGCDPGKRDILAITDGIKTICYTKGQRDMDTHKTIRLRTSLKRRRGC
GLEEYETQVMNRFQKRSCHPEMFRRYACSRKRMEHMLLECYSHPVFREFKFLVYNKTKSSEHRFMHRVLETFKRPQTNLS
KARCASGVMRMNALKEVQRHGDIIIGWGNWGKNPNALRCSAGPTPGIGIRRRFESLFKTTTVPEHYTSQECPSCKGRCLR
KATGNPIMRHHLLRCTNDSCCSRWWNRNVAGAFNILTRLLDGQTLSGNETTGDGLGGDDL
;
P
3 'polydeoxyribonucleotide'
;(DG)(DA)(DA)(DT)(DT)(DC)(DG)(DA)(DG)(DC)(DT)(DC)(DG)(DG)(DT)(DA)(DC)(DC)(DC)(DG)
(DG)(DG)(DC)(DA)(DT)(DT)(DT)(DA)(DA)(DG)(DG)(DA)(DG)(DA)(DA)(DG)(DT)(DC)(DA)(DT)
(DT)(DT)(DA)(DA)(DT)(DA)(DA)(DG)(DG)(DC)(DC)(DA)(DC)(DT)(DC)(DT)(DT)(DA)(DA)(DA)
(DA)(DA)(DG)(DC)(DT)(DT)(DG)(DG)(DC)(DG)(DT)(DA)(DA)(DT)(DC)(DA)(DT)(DG)(DG)(DT)
(DC)
;
T
4 'polyribonucleotide'
;CACUAUCCGGUAACGAAACUACCGGAGACGGGUUAGGAGGUGACGACCUCUAAAACCUAGAACUUAGAGUGCAAAAACGC
CAUUACGAUUGUGAUGCCUAUUCAAGGGUGUCCCAAGUGUAAAAAGAAAGCACUCUAAGGAGUGGCCUUAUUAA
;
W
#
loop_
_chem_comp.id
_chem_comp.type
_chem_comp.name
_chem_comp.formula
A RNA linking ADENOSINE-5'-MONOPHOSPHATE 'C10 H14 N5 O7 P'
C RNA linking CYTIDINE-5'-MONOPHOSPHATE 'C9 H14 N3 O8 P'
DA DNA linking 2'-DEOXYADENOSINE-5'-MONOPHOSPHATE 'C10 H14 N5 O6 P'
DC DNA linking 2'-DEOXYCYTIDINE-5'-MONOPHOSPHATE 'C9 H14 N3 O7 P'
DG DNA linking 2'-DEOXYGUANOSINE-5'-MONOPHOSPHATE 'C10 H14 N5 O7 P'
DT DNA linking THYMIDINE-5'-MONOPHOSPHATE 'C10 H15 N2 O8 P'
G RNA linking GUANOSINE-5'-MONOPHOSPHATE 'C10 H14 N5 O8 P'
U RNA linking URIDINE-5'-MONOPHOSPHATE 'C9 H13 N2 O9 P'
ZN non-polymer 'ZINC ION' 'Zn 2'
#
# COMPACT_ATOMS: atom_id res chain seq x y z
N SER B 412 -11.47 13.36 -1.28
CA SER B 412 -12.60 12.41 -1.08
C SER B 412 -13.27 12.64 0.28
N ASN B 413 -14.42 12.00 0.47
CA ASN B 413 -15.20 12.11 1.70
C ASN B 413 -15.60 10.71 2.18
N ILE B 414 -14.64 9.80 2.20
CA ILE B 414 -14.88 8.39 2.54
C ILE B 414 -13.99 8.01 3.71
N ARG B 415 -14.57 7.33 4.69
CA ARG B 415 -13.84 6.80 5.83
C ARG B 415 -14.24 5.35 6.06
N ILE B 416 -13.42 4.64 6.82
CA ILE B 416 -13.58 3.20 7.02
C ILE B 416 -13.68 2.92 8.51
N VAL B 417 -14.31 1.80 8.83
CA VAL B 417 -14.39 1.27 10.19
C VAL B 417 -13.88 -0.16 10.12
N LYS B 418 -12.59 -0.36 10.38
CA LYS B 418 -11.97 -1.68 10.26
C LYS B 418 -12.19 -2.47 11.53
N ARG B 419 -12.88 -3.60 11.42
CA ARG B 419 -13.15 -4.47 12.55
C ARG B 419 -13.00 -5.91 12.07
N LYS B 420 -13.44 -6.86 12.89
CA LYS B 420 -13.44 -8.27 12.52
C LYS B 420 -14.73 -8.61 11.78
N ALA B 421 -14.62 -9.60 10.89
CA ALA B 421 -15.75 -9.98 10.04
C ALA B 421 -16.73 -10.92 10.72
N LYS B 422 -16.43 -11.39 11.92
CA LYS B 422 -17.31 -12.34 12.59
C LYS B 422 -18.69 -11.74 12.80
N GLY B 423 -19.72 -12.49 12.41
CA GLY B 423 -21.10 -12.11 12.65
C GLY B 423 -21.70 -11.19 11.63
N PHE B 424 -20.91 -10.56 10.77
CA PHE B 424 -21.47 -9.64 9.79
C PHE B 424 -22.16 -10.40 8.66
N PHE B 425 -21.55 -11.50 8.20
CA PHE B 425 -22.12 -12.34 7.16
C PHE B 425 -22.79 -13.54 7.79
N LYS B 426 -23.97 -13.88 7.29
CA LYS B 426 -24.71 -15.01 7.83
C LYS B 426 -23.94 -16.30 7.60
N CYS B 427 -24.14 -17.26 8.52
CA CYS B 427 -23.45 -18.54 8.41
C CYS B 427 -23.75 -19.23 7.08
N GLU B 428 -24.91 -18.95 6.49
CA GLU B 428 -25.24 -19.54 5.20
C GLU B 428 -24.29 -19.07 4.11
N ASP B 429 -23.68 -17.89 4.27
CA ASP B 429 -22.83 -17.31 3.26
C ASP B 429 -21.38 -17.15 3.71
N LEU B 430 -21.05 -17.44 4.96
CA LEU B 430 -19.67 -17.27 5.43
C LEU B 430 -18.72 -18.16 4.65
N VAL B 431 -19.14 -19.39 4.34
CA VAL B 431 -18.31 -20.31 3.56
C VAL B 431 -18.03 -19.72 2.19
N THR B 432 -19.05 -19.16 1.54
CA THR B 432 -18.87 -18.59 0.21
C THR B 432 -17.88 -17.43 0.24
N ILE B 433 -17.99 -16.56 1.24
CA ILE B 433 -17.10 -15.39 1.30
C ILE B 433 -15.64 -15.83 1.43
N LYS B 434 -15.37 -16.76 2.35
CA LYS B 434 -14.00 -17.23 2.52
C LYS B 434 -13.49 -17.92 1.26
N ASP B 435 -14.33 -18.76 0.65
CA ASP B 435 -13.94 -19.40 -0.60
C ASP B 435 -13.76 -18.39 -1.72
N ALA B 436 -14.58 -17.33 -1.75
CA ALA B 436 -14.43 -16.30 -2.77
C ALA B 436 -13.09 -15.61 -2.63
N VAL B 437 -12.65 -15.34 -1.40
CA VAL B 437 -11.35 -14.70 -1.20
C VAL B 437 -10.24 -15.59 -1.74
N LYS B 438 -10.30 -16.89 -1.45
CA LYS B 438 -9.29 -17.80 -1.98
C LYS B 438 -9.31 -17.82 -3.49
N ALA B 439 -10.50 -17.90 -4.09
CA ALA B 439 -10.61 -17.94 -5.54
C ALA B 439 -10.12 -16.64 -6.16
N ALA B 440 -10.47 -15.50 -5.56
CA ALA B 440 -10.06 -14.22 -6.11
C ALA B 440 -8.54 -14.08 -6.12
N HIS B 441 -7.89 -14.49 -5.03
CA HIS B 441 -6.43 -14.41 -4.98
C HIS B 441 -5.80 -15.32 -6.01
N ARG B 442 -6.32 -16.54 -6.17
CA ARG B 442 -5.77 -17.47 -7.14
C ARG B 442 -5.90 -16.92 -8.55
N ILE B 443 -7.06 -16.37 -8.89
CA ILE B 443 -7.29 -15.86 -10.24
C ILE B 443 -6.39 -14.66 -10.50
N MET B 444 -6.38 -13.70 -9.58
CA MET B 444 -5.59 -12.49 -9.78
C MET B 444 -4.10 -12.79 -9.74
N SER B 445 -3.67 -13.61 -8.78
CA SER B 445 -2.24 -13.92 -8.67
C SER B 445 -1.73 -14.62 -9.92
N ASP B 446 -2.49 -15.58 -10.43
CA ASP B 446 -2.09 -16.26 -11.66
C ASP B 446 -2.30 -15.36 -12.88
N ALA B 447 -3.40 -14.60 -12.89
CA ALA B 447 -3.67 -13.71 -14.02
C ALA B 447 -2.58 -12.65 -14.14
N SER B 448 -2.13 -12.08 -13.01
CA SER B 448 -1.09 -11.07 -13.05
C SER B 448 0.19 -11.62 -13.64
N ILE B 449 0.56 -12.86 -13.28
CA ILE B 449 1.75 -13.48 -13.86
C ILE B 449 1.57 -13.66 -15.36
N LEU B 450 0.38 -14.12 -15.78
CA LEU B 450 0.14 -14.29 -17.21
C LEU B 450 0.21 -12.96 -17.95
N VAL B 451 -0.35 -11.90 -17.36
CA VAL B 451 -0.27 -10.59 -17.99
C VAL B 451 1.18 -10.12 -18.06
N ARG B 452 1.93 -10.30 -16.98
CA ARG B 452 3.33 -9.90 -16.98
C ARG B 452 4.12 -10.68 -18.03
N SER B 453 3.90 -12.00 -18.11
CA SER B 453 4.58 -12.79 -19.12
C SER B 453 4.15 -12.38 -20.53
N TYR B 454 2.87 -12.09 -20.71
CA TYR B 454 2.38 -11.65 -22.02
C TYR B 454 3.04 -10.35 -22.44
N TYR B 455 3.21 -9.42 -21.51
CA TYR B 455 3.87 -8.16 -21.85
C TYR B 455 5.31 -8.40 -22.27
N LEU B 456 6.01 -9.29 -21.57
CA LEU B 456 7.38 -9.62 -21.95
C LEU B 456 7.42 -10.28 -23.33
N ARG B 457 6.45 -11.13 -23.63
CA ARG B 457 6.36 -11.71 -24.97
C ARG B 457 6.29 -10.61 -26.03
N TRP B 458 5.43 -9.62 -25.81
CA TRP B 458 5.33 -8.51 -26.75
C TRP B 458 6.64 -7.73 -26.82
N PHE B 459 7.26 -7.48 -25.68
CA PHE B 459 8.49 -6.68 -25.65
C PHE B 459 9.59 -7.35 -26.46
N GLN B 460 9.78 -8.66 -26.27
CA GLN B 460 10.85 -9.37 -26.98
C GLN B 460 10.52 -9.58 -28.45
N SER B 461 9.24 -9.53 -28.82
CA SER B 461 8.83 -9.83 -30.19
C SER B 461 8.53 -8.59 -31.01
N SER B 462 8.37 -7.42 -30.38
CA SER B 462 7.98 -6.22 -31.13
C SER B 462 8.73 -4.96 -30.70
N TYR B 463 9.69 -5.07 -29.78
CA TYR B 463 10.45 -3.90 -29.36
C TYR B 463 11.89 -4.02 -29.82
N PRO B 464 12.46 -3.00 -30.48
CA PRO B 464 11.87 -1.68 -30.81
C PRO B 464 10.79 -1.78 -31.88
N LEU B 465 9.86 -0.82 -31.89
CA LEU B 465 8.72 -0.86 -32.79
C LEU B 465 9.07 -0.25 -34.14
N ASP B 466 8.23 -0.54 -35.13
CA ASP B 466 8.41 -0.03 -36.47
C ASP B 466 7.92 1.41 -36.56
N SER B 467 8.06 2.02 -37.74
CA SER B 467 7.67 3.40 -37.93
C SER B 467 6.17 3.63 -37.77
N ASP B 468 5.35 2.59 -37.98
CA ASP B 468 3.91 2.70 -37.90
C ASP B 468 3.32 1.60 -37.03
N ASP B 469 3.94 1.36 -35.88
CA ASP B 469 3.45 0.40 -34.89
C ASP B 469 3.23 1.11 -33.56
N LYS B 470 2.19 0.68 -32.85
CA LYS B 470 1.75 1.35 -31.63
C LYS B 470 2.30 0.63 -30.40
N GLU B 471 2.79 1.42 -29.45
CA GLU B 471 3.29 0.86 -28.21
C GLU B 471 2.13 0.26 -27.41
N LEU B 472 2.34 -0.93 -26.87
CA LEU B 472 1.26 -1.66 -26.22
C LEU B 472 0.75 -0.89 -25.00
N GLU B 473 -0.56 -0.81 -24.87
CA GLU B 473 -1.22 -0.17 -23.73
C GLU B 473 -2.18 -1.18 -23.11
N LEU B 474 -1.97 -1.51 -21.84
CA LEU B 474 -2.83 -2.45 -21.14
C LEU B 474 -4.11 -1.75 -20.70
N GLU B 475 -5.23 -2.48 -20.83
CA GLU B 475 -6.54 -1.97 -20.45
C GLU B 475 -7.26 -3.02 -19.61
N HIS B 476 -8.51 -2.74 -19.28
CA HIS B 476 -9.27 -3.65 -18.42
C HIS B 476 -9.45 -5.01 -19.08
N PHE B 477 -9.76 -5.02 -20.37
CA PHE B 477 -10.07 -6.29 -21.02
C PHE B 477 -8.84 -7.20 -21.11
N HIS B 478 -7.64 -6.62 -21.14
CA HIS B 478 -6.44 -7.45 -21.14
C HIS B 478 -6.38 -8.31 -19.88
N ILE B 479 -6.54 -7.70 -18.72
CA ILE B 479 -6.45 -8.45 -17.47
C ILE B 479 -7.66 -9.36 -17.30
N SER B 480 -8.84 -8.88 -17.69
CA SER B 480 -10.04 -9.72 -17.55
C SER B 480 -9.92 -10.98 -18.38
N MET B 481 -9.39 -10.86 -19.61
CA MET B 481 -9.16 -12.04 -20.42
C MET B 481 -8.16 -12.98 -19.74
N ALA B 482 -7.15 -12.42 -19.08
CA ALA B 482 -6.20 -13.26 -18.35
C ALA B 482 -6.91 -14.06 -17.27
N CYS B 483 -7.85 -13.43 -16.55
CA CYS B 483 -8.61 -14.17 -15.55
C CYS B 483 -9.42 -15.29 -16.20
N SER B 484 -10.01 -15.02 -17.37
CA SER B 484 -10.75 -16.05 -18.08
C SER B 484 -9.83 -17.19 -18.49
N ILE B 485 -8.62 -16.87 -18.96
CA ILE B 485 -7.67 -17.91 -19.34
C ILE B 485 -7.28 -18.74 -18.12
N VAL B 486 -7.04 -18.09 -16.98
CA VAL B 486 -6.68 -18.81 -15.77
C VAL B 486 -7.80 -19.75 -15.36
N GLN B 487 -9.04 -19.33 -15.54
CA GLN B 487 -10.19 -20.15 -15.18
C GLN B 487 -10.46 -21.26 -16.18
N GLY B 488 -9.69 -21.35 -17.26
CA GLY B 488 -9.85 -22.40 -18.24
C GLY B 488 -10.74 -22.05 -19.41
N ILE B 489 -11.07 -20.79 -19.61
CA ILE B 489 -11.93 -20.37 -20.71
C ILE B 489 -11.11 -20.32 -21.99
N THR B 490 -11.54 -21.07 -22.99
CA THR B 490 -10.88 -21.06 -24.31
C THR B 490 -11.65 -20.26 -25.34
N ARG B 491 -12.96 -20.09 -25.17
CA ARG B 491 -13.75 -19.30 -26.10
C ARG B 491 -13.40 -17.83 -25.93
N PRO B 492 -13.05 -17.11 -27.00
CA PRO B 492 -12.75 -15.68 -26.87
C PRO B 492 -13.90 -14.94 -26.21
N PRO B 493 -13.69 -14.38 -25.01
CA PRO B 493 -14.79 -13.67 -24.33
C PRO B 493 -14.99 -12.26 -24.88
N VAL B 494 -15.54 -12.19 -26.09
CA VAL B 494 -15.84 -10.92 -26.75
C VAL B 494 -17.29 -10.93 -27.18
N ARG B 495 -17.98 -9.81 -26.94
CA ARG B 495 -19.40 -9.70 -27.24
C ARG B 495 -19.58 -9.15 -28.66
N GLY B 496 -20.33 -9.88 -29.49
CA GLY B 496 -20.64 -9.43 -30.82
C GLY B 496 -19.49 -9.59 -31.79
N VAL B 497 -19.71 -9.10 -33.01
CA VAL B 497 -18.73 -9.13 -34.08
C VAL B 497 -18.57 -7.72 -34.62
N GLY B 498 -17.34 -7.25 -34.74
CA GLY B 498 -17.07 -5.92 -35.23
C GLY B 498 -15.58 -5.66 -35.40
N PRO B 499 -15.24 -4.48 -35.93
CA PRO B 499 -13.81 -4.16 -36.15
C PRO B 499 -13.00 -4.16 -34.87
N GLU B 500 -13.43 -3.36 -33.88
CA GLU B 500 -12.72 -3.32 -32.61
C GLU B 500 -12.78 -4.66 -31.89
N GLN B 501 -13.96 -5.31 -31.92
CA GLN B 501 -14.11 -6.61 -31.27
C GLN B 501 -13.21 -7.65 -31.91
N SER B 502 -12.90 -7.51 -33.20
CA SER B 502 -11.95 -8.42 -33.85
C SER B 502 -10.58 -8.32 -33.23
N VAL B 503 -10.14 -7.09 -32.90
CA VAL B 503 -8.84 -6.90 -32.26
C VAL B 503 -8.80 -7.64 -30.93
N LYS B 504 -9.87 -7.54 -30.14
CA LYS B 504 -9.90 -8.22 -28.85
C LYS B 504 -9.77 -9.72 -29.01
N ILE B 505 -10.43 -10.29 -30.01
CA ILE B 505 -10.34 -11.73 -30.22
C ILE B 505 -8.90 -12.14 -30.52
N ASP B 506 -8.22 -11.37 -31.37
CA ASP B 506 -6.83 -11.68 -31.69
C ASP B 506 -5.95 -11.58 -30.45
N VAL B 507 -6.18 -10.57 -29.61
CA VAL B 507 -5.39 -10.42 -28.40
C VAL B 507 -5.58 -11.63 -27.48
N PHE B 508 -6.81 -12.12 -27.38
CA PHE B 508 -7.06 -13.28 -26.53
C PHE B 508 -6.26 -14.50 -26.99
N ASN B 509 -6.21 -14.72 -28.30
CA ASN B 509 -5.46 -15.87 -28.81
C ASN B 509 -3.98 -15.74 -28.47
N ASP B 510 -3.43 -14.52 -28.58
CA ASP B 510 -2.02 -14.32 -28.25
C ASP B 510 -1.75 -14.66 -26.79
N MET B 511 -2.61 -14.19 -25.88
CA MET B 511 -2.44 -14.50 -24.47
C MET B 511 -2.59 -15.99 -24.21
N LEU B 512 -3.57 -16.63 -24.85
CA LEU B 512 -3.80 -18.05 -24.64
C LEU B 512 -2.59 -18.87 -25.07
N ASP B 513 -1.98 -18.51 -26.21
CA ASP B 513 -0.78 -19.21 -26.65
C ASP B 513 0.36 -19.04 -25.65
N GLU B 514 0.52 -17.83 -25.10
CA GLU B 514 1.57 -17.61 -24.10
C GLU B 514 1.31 -18.43 -22.85
N TYR B 515 0.05 -18.56 -22.44
CA TYR B 515 -0.29 -19.37 -21.28
C TYR B 515 0.19 -20.81 -21.47
N LYS B 516 0.06 -21.34 -22.68
CA LYS B 516 0.56 -22.69 -22.97
C LYS B 516 2.08 -22.75 -22.81
N ARG B 517 2.79 -21.75 -23.32
CA ARG B 517 4.24 -21.72 -23.20
C ARG B 517 4.68 -21.51 -21.75
N LEU B 518 3.93 -20.73 -20.99
CA LEU B 518 4.35 -20.39 -19.63
C LEU B 518 4.49 -21.64 -18.77
N TYR B 519 3.56 -22.58 -18.90
CA TYR B 519 3.54 -23.80 -18.10
C TYR B 519 3.90 -25.00 -18.97
N GLU B 520 4.66 -25.92 -18.39
CA GLU B 520 5.30 -27.00 -19.14
C GLU B 520 4.41 -28.23 -19.32
N ARG B 521 3.10 -28.08 -19.19
CA ARG B 521 2.19 -29.19 -19.43
C ARG B 521 0.89 -28.66 -20.01
N ALA B 522 0.18 -29.54 -20.71
CA ALA B 522 -1.04 -29.14 -21.40
C ALA B 522 -2.10 -28.71 -20.40
N PRO B 523 -2.67 -27.51 -20.53
CA PRO B 523 -3.74 -27.10 -19.62
C PRO B 523 -4.95 -28.01 -19.75
N ASN B 524 -5.66 -28.17 -18.63
CA ASN B 524 -6.89 -28.96 -18.58
C ASN B 524 -8.02 -28.09 -18.04
N ASP B 525 -9.18 -28.18 -18.69
CA ASP B 525 -10.30 -27.30 -18.35
C ASP B 525 -10.85 -27.59 -16.95
N LYS B 526 -11.00 -28.87 -16.61
CA LYS B 526 -11.65 -29.28 -15.37
C LYS B 526 -10.69 -29.37 -14.19
N GLU B 527 -9.54 -28.69 -14.27
CA GLU B 527 -8.64 -28.56 -13.14
C GLU B 527 -8.66 -27.18 -12.51
N ASN B 528 -9.31 -26.20 -13.14
CA ASN B 528 -9.37 -24.84 -12.63
C ASN B 528 -10.80 -24.32 -12.52
N GLU B 529 -11.80 -25.17 -12.70
CA GLU B 529 -13.19 -24.72 -12.68
C GLU B 529 -13.59 -24.20 -11.30
N THR B 530 -14.46 -23.19 -11.31
CA THR B 530 -14.99 -22.61 -10.09
C THR B 530 -16.46 -22.27 -10.31
N ASP B 531 -17.20 -22.16 -9.20
CA ASP B 531 -18.63 -21.92 -9.23
C ASP B 531 -19.02 -20.67 -8.45
N LEU B 532 -18.22 -19.61 -8.56
CA LEU B 532 -18.48 -18.34 -7.89
C LEU B 532 -18.53 -17.23 -8.92
N SER B 533 -19.51 -16.34 -8.76
CA SER B 533 -19.70 -15.21 -9.67
C SER B 533 -18.83 -14.03 -9.19
N LEU B 534 -17.53 -14.18 -9.38
CA LEU B 534 -16.56 -13.18 -8.98
C LEU B 534 -16.31 -12.12 -10.04
N SER B 535 -17.23 -11.96 -10.99
CA SER B 535 -17.00 -11.01 -12.08
C SER B 535 -16.84 -9.59 -11.56
N HIS B 536 -17.74 -9.18 -10.65
CA HIS B 536 -17.66 -7.82 -10.10
C HIS B 536 -16.56 -7.70 -9.06
N VAL B 537 -16.34 -8.74 -8.26
CA VAL B 537 -15.28 -8.68 -7.24
C VAL B 537 -13.92 -8.52 -7.90
N LEU B 538 -13.66 -9.29 -8.96
CA LEU B 538 -12.37 -9.22 -9.63
C LEU B 538 -12.15 -7.90 -10.35
N ALA B 539 -13.21 -7.12 -10.57
CA ALA B 539 -13.07 -5.88 -11.32
C ALA B 539 -12.12 -4.91 -10.62
N TYR B 540 -12.26 -4.77 -9.30
CA TYR B 540 -11.40 -3.84 -8.57
C TYR B 540 -9.95 -4.30 -8.55
N SER B 541 -9.73 -5.61 -8.40
CA SER B 541 -8.38 -6.12 -8.51
C SER B 541 -7.79 -5.85 -9.88
N ILE B 542 -8.60 -5.93 -10.93
CA ILE B 542 -8.15 -5.56 -12.27
C ILE B 542 -7.81 -4.08 -12.32
N ASP B 543 -8.71 -3.23 -11.84
CA ASP B 543 -8.44 -1.79 -11.83
C ASP B 543 -7.29 -1.46 -10.90
N ASN B 544 -7.26 -2.07 -9.71
CA ASN B 544 -6.17 -1.80 -8.77
C ASN B 544 -4.83 -2.25 -9.35
N LEU B 545 -4.80 -3.43 -9.98
CA LEU B 545 -3.57 -3.88 -10.63
C LEU B 545 -3.18 -2.94 -11.76
N LEU B 546 -4.16 -2.52 -12.57
CA LEU B 546 -3.87 -1.60 -13.66
C LEU B 546 -3.36 -0.27 -13.12
N THR B 547 -3.97 0.23 -12.03
CA THR B 547 -3.48 1.45 -11.41
C THR B 547 -2.07 1.27 -10.88
N ALA B 548 -1.73 0.08 -10.39
CA ALA B 548 -0.38 -0.16 -9.91
C ALA B 548 0.64 0.02 -11.03
N TYR B 549 0.32 -0.46 -12.23
CA TYR B 549 1.21 -0.25 -13.36
C TYR B 549 1.43 1.24 -13.61
N LYS B 550 0.34 2.02 -13.62
CA LYS B 550 0.48 3.46 -13.84
C LYS B 550 1.27 4.12 -12.72
N ASN B 551 0.96 3.78 -11.47
CA ASN B 551 1.65 4.39 -10.34
C ASN B 551 3.13 4.05 -10.36
N ASN B 552 3.47 2.79 -10.64
CA ASN B 552 4.87 2.39 -10.67
C ASN B 552 5.65 3.14 -11.74
N ILE B 553 5.05 3.29 -12.93
CA ILE B 553 5.74 3.98 -14.01
C ILE B 553 5.98 5.44 -13.66
N GLU B 554 4.95 6.11 -13.15
CA GLU B 554 5.06 7.55 -12.91
C GLU B 554 5.98 7.86 -11.73
N ALA B 555 5.87 7.10 -10.64
CA ALA B 555 6.56 7.42 -9.40
C ALA B 555 7.94 6.77 -9.29
N HIS B 556 8.34 5.94 -10.25
CA HIS B 556 9.61 5.24 -10.14
C HIS B 556 10.41 5.20 -11.44
N PHE B 557 9.91 5.80 -12.53
CA PHE B 557 10.66 5.77 -13.78
C PHE B 557 12.00 6.50 -13.64
N SER B 558 12.00 7.63 -12.92
CA SER B 558 13.24 8.38 -12.73
C SER B 558 14.34 7.51 -12.10
N LYS B 559 13.95 6.58 -11.23
CA LYS B 559 14.94 5.70 -10.62
C LYS B 559 15.61 4.82 -11.66
N TYR B 560 14.84 4.34 -12.64
CA TYR B 560 15.45 3.58 -13.74
C TYR B 560 16.45 4.43 -14.50
N VAL B 561 16.11 5.71 -14.75
CA VAL B 561 17.01 6.60 -15.45
C VAL B 561 18.30 6.80 -14.66
N LYS B 562 18.18 7.00 -13.34
CA LYS B 562 19.33 7.22 -12.49
C LYS B 562 20.06 5.94 -12.12
N ARG B 563 19.70 4.81 -12.74
CA ARG B 563 20.38 3.54 -12.49
C ARG B 563 21.09 2.99 -13.72
N PHE B 564 20.48 3.08 -14.90
CA PHE B 564 21.18 2.66 -16.11
C PHE B 564 22.41 3.51 -16.35
N ILE B 565 22.29 4.83 -16.17
CA ILE B 565 23.44 5.70 -16.34
C ILE B 565 24.51 5.39 -15.29
N ARG B 566 24.09 5.19 -14.04
CA ARG B 566 25.05 4.89 -12.99
C ARG B 566 25.77 3.57 -13.27
N CYS B 567 25.04 2.55 -13.70
CA CYS B 567 25.67 1.28 -14.05
C CYS B 567 26.61 1.43 -15.23
N ASP B 568 26.20 2.22 -16.23
CA ASP B 568 27.06 2.44 -17.39
C ASP B 568 28.38 3.08 -17.01
N MET B 569 28.32 4.09 -16.14
CA MET B 569 29.56 4.73 -15.67
C MET B 569 30.44 3.74 -14.94
N LEU B 570 29.85 2.93 -14.05
CA LEU B 570 30.62 1.93 -13.32
C LEU B 570 31.17 0.87 -14.27
N ALA B 571 30.36 0.45 -15.24
CA ALA B 571 30.82 -0.57 -16.19
C ALA B 571 32.00 -0.09 -17.00
N LYS B 572 32.13 1.22 -17.20
CA LYS B 572 33.23 1.80 -17.96
C LYS B 572 34.42 2.17 -17.09
N GLY B 573 34.39 1.84 -15.80
CA GLY B 573 35.52 2.06 -14.92
C GLY B 573 35.57 3.42 -14.24
N PHE B 574 34.56 4.27 -14.43
CA PHE B 574 34.56 5.56 -13.78
C PHE B 574 34.26 5.41 -12.30
N ASN B 575 34.70 6.41 -11.52
CA ASN B 575 34.51 6.38 -10.09
C ASN B 575 33.03 6.47 -9.73
N LYS B 576 32.68 5.86 -8.59
CA LYS B 576 31.28 5.82 -8.17
C LYS B 576 30.75 7.23 -7.90
N SER B 577 31.56 8.10 -7.30
CA SER B 577 31.10 9.43 -6.97
C SER B 577 30.70 10.19 -8.23
N GLU B 578 31.51 10.09 -9.28
CA GLU B 578 31.18 10.79 -10.53
C GLU B 578 29.95 10.19 -11.20
N ALA B 579 29.70 8.90 -11.01
CA ALA B 579 28.55 8.27 -11.63
C ALA B 579 27.25 8.92 -11.16
N ASN B 580 27.12 9.15 -9.85
CA ASN B 580 25.94 9.83 -9.34
C ASN B 580 25.86 11.27 -9.85
N ARG B 581 27.00 11.94 -9.96
CA ARG B 581 27.02 13.30 -10.46
C ARG B 581 26.45 13.37 -11.87
N VAL B 582 26.87 12.45 -12.75
CA VAL B 582 26.37 12.44 -14.12
C VAL B 582 24.89 12.07 -14.13
N ALA B 583 24.50 11.05 -13.37
CA ALA B 583 23.11 10.60 -13.40
C ALA B 583 22.17 11.68 -12.89
N ALA B 584 22.54 12.35 -11.79
CA ALA B 584 21.65 13.36 -11.22
C ALA B 584 21.45 14.51 -12.19
N ILE B 585 22.53 14.99 -12.81
CA ILE B 585 22.41 16.10 -13.75
C ILE B 585 21.63 15.67 -14.99
N TYR B 586 21.89 14.46 -15.49
CA TYR B 586 21.20 13.99 -16.69
C TYR B 586 19.70 13.91 -16.48
N THR B 587 19.27 13.36 -15.33
CA THR B 587 17.83 13.21 -15.09
C THR B 587 17.14 14.58 -15.06
N ASN B 588 17.74 15.56 -14.39
CA ASN B 588 17.15 16.89 -14.35
C ASN B 588 17.13 17.53 -15.73
N ALA B 589 18.20 17.33 -16.51
CA ALA B 589 18.26 17.95 -17.84
C ALA B 589 17.15 17.42 -18.74
N TYR B 590 16.88 16.11 -18.69
CA TYR B 590 15.86 15.52 -19.55
C TYR B 590 14.45 15.93 -19.15
N ILE B 591 14.27 16.55 -18.00
CA ILE B 591 12.93 17.03 -17.61
C ILE B 591 12.46 18.07 -18.62
N TYR B 592 13.35 18.95 -19.06
CA TYR B 592 12.99 20.00 -20.00
C TYR B 592 12.65 19.42 -21.36
N SER B 614 21.32 7.67 -24.25
CA SER B 614 20.41 8.73 -24.68
C SER B 614 19.14 8.15 -25.29
N SER B 615 19.12 6.83 -25.48
CA SER B 615 17.96 6.14 -26.02
C SER B 615 16.98 5.69 -24.94
N LEU B 616 17.25 6.01 -23.68
CA LEU B 616 16.39 5.56 -22.58
C LEU B 616 15.06 6.30 -22.53
N PHE B 617 14.90 7.38 -23.30
CA PHE B 617 13.71 8.22 -23.23
C PHE B 617 12.95 8.18 -24.54
N PRO B 618 11.62 8.28 -24.50
CA PRO B 618 10.85 8.37 -25.75
C PRO B 618 10.82 9.79 -26.29
N SER B 619 10.28 9.92 -27.50
CA SER B 619 10.12 11.24 -28.10
C SER B 619 9.13 12.07 -27.31
N LYS B 620 9.37 13.38 -27.28
CA LYS B 620 8.48 14.27 -26.55
C LYS B 620 7.06 14.16 -27.10
N ILE B 621 6.10 14.01 -26.19
CA ILE B 621 4.72 13.71 -26.57
C ILE B 621 3.93 15.00 -26.71
N ASN B 622 3.81 15.75 -25.62
CA ASN B 622 3.01 16.97 -25.63
C ASN B 622 3.53 17.94 -26.68
N LYS B 623 2.70 18.22 -27.68
CA LYS B 623 3.07 19.16 -28.73
C LYS B 623 3.10 20.61 -28.25
N GLY B 624 2.58 20.89 -27.05
CA GLY B 624 2.58 22.23 -26.51
C GLY B 624 3.91 22.69 -25.96
N GLY B 625 4.89 21.79 -25.85
CA GLY B 625 6.21 22.15 -25.38
C GLY B 625 6.40 22.08 -23.88
N PHE B 626 5.46 21.49 -23.14
CA PHE B 626 5.61 21.38 -21.70
C PHE B 626 6.72 20.40 -21.36
N PRO B 627 7.31 20.53 -20.16
CA PRO B 627 8.41 19.63 -19.79
C PRO B 627 8.00 18.17 -19.86
N ARG B 628 9.01 17.31 -19.86
CA ARG B 628 8.78 15.87 -19.98
C ARG B 628 7.97 15.31 -18.83
N VAL B 629 7.98 15.98 -17.66
CA VAL B 629 7.23 15.48 -16.52
C VAL B 629 5.75 15.38 -16.85
N TYR B 630 5.22 16.38 -17.58
CA TYR B 630 3.82 16.33 -17.98
C TYR B 630 3.56 15.14 -18.91
N ASP B 631 4.51 14.84 -19.80
CA ASP B 631 4.33 13.72 -20.72
C ASP B 631 4.21 12.40 -19.96
N LEU B 632 4.95 12.24 -18.87
CA LEU B 632 4.88 11.01 -18.10
C LEU B 632 3.46 10.78 -17.57
N LYS B 633 2.83 11.83 -17.04
CA LYS B 633 1.44 11.72 -16.61
C LYS B 633 0.50 11.55 -17.80
N ALA B 634 0.81 12.19 -18.94
CA ALA B 634 -0.08 12.14 -20.08
C ALA B 634 -0.27 10.72 -20.59
N ASN B 635 0.82 9.96 -20.69
CA ASN B 635 0.77 8.59 -21.21
C ASN B 635 1.82 7.75 -20.49
N PRO B 636 1.42 6.95 -19.50
CA PRO B 636 2.40 6.14 -18.78
C PRO B 636 2.87 4.92 -19.56
N TRP B 637 2.01 4.41 -20.45
CA TRP B 637 2.34 3.18 -21.16
C TRP B 637 3.54 3.35 -22.08
N VAL B 638 3.75 4.56 -22.61
CA VAL B 638 4.87 4.78 -23.52
C VAL B 638 6.19 4.52 -22.81
N TYR B 639 6.29 4.93 -21.55
CA TYR B 639 7.52 4.77 -20.78
C TYR B 639 7.69 3.37 -20.22
N LEU B 640 6.64 2.55 -20.18
CA LEU B 640 6.76 1.23 -19.56
C LEU B 640 7.77 0.35 -20.27
N PRO B 641 7.77 0.23 -21.60
CA PRO B 641 8.81 -0.61 -22.24
C PRO B 641 10.22 -0.16 -21.93
N LYS B 642 10.43 1.13 -21.67
CA LYS B 642 11.78 1.61 -21.37
C LYS B 642 12.31 0.97 -20.10
N MET B 643 11.47 0.85 -19.08
CA MET B 643 11.89 0.20 -17.84
C MET B 643 12.25 -1.26 -18.07
N VAL B 644 11.46 -1.95 -18.91
CA VAL B 644 11.74 -3.35 -19.19
C VAL B 644 13.10 -3.50 -19.86
N MET B 645 13.41 -2.62 -20.80
CA MET B 645 14.71 -2.67 -21.47
C MET B 645 15.85 -2.48 -20.47
N ILE B 646 15.69 -1.53 -19.53
CA ILE B 646 16.74 -1.25 -18.56
C ILE B 646 16.99 -2.47 -17.68
N ASN B 647 15.92 -3.15 -17.25
CA ASN B 647 16.08 -4.31 -16.40
C ASN B 647 16.89 -5.40 -17.08
N GLN B 648 16.61 -5.66 -18.36
CA GLN B 648 17.35 -6.69 -19.08
C GLN B 648 18.84 -6.38 -19.10
N ALA B 649 19.20 -5.10 -19.28
CA ALA B 649 20.60 -4.73 -19.26
C ALA B 649 21.23 -5.00 -17.90
N LEU B 650 20.51 -4.70 -16.82
CA LEU B 650 21.06 -4.91 -15.49
C LEU B 650 21.36 -6.38 -15.23
N GLU B 651 20.52 -7.28 -15.74
CA GLU B 651 20.70 -8.70 -15.44
C GLU B 651 21.92 -9.27 -16.15
N THR B 652 22.14 -8.91 -17.40
CA THR B 652 23.20 -9.52 -18.21
C THR B 652 24.23 -8.52 -18.72
N ASP B 653 23.81 -7.36 -19.21
CA ASP B 653 24.76 -6.45 -19.85
C ASP B 653 25.80 -5.95 -18.86
N PHE B 654 25.38 -5.56 -17.66
CA PHE B 654 26.30 -5.01 -16.65
C PHE B 654 26.78 -6.11 -15.71
N SER B 655 27.40 -7.13 -16.30
CA SER B 655 27.91 -8.25 -15.51
C SER B 655 29.06 -7.82 -14.60
N SER B 656 29.96 -6.98 -15.11
CA SER B 656 31.14 -6.62 -14.33
C SER B 656 30.79 -5.84 -13.07
N VAL B 657 29.72 -5.04 -13.11
CA VAL B 657 29.36 -4.23 -11.95
C VAL B 657 28.95 -5.13 -10.79
N GLU B 658 29.24 -4.67 -9.57
CA GLU B 658 28.89 -5.45 -8.38
C GLU B 658 27.38 -5.60 -8.28
N HIS B 659 26.96 -6.76 -7.76
CA HIS B 659 25.53 -7.03 -7.65
C HIS B 659 24.83 -6.05 -6.71
N LYS B 660 25.53 -5.58 -5.68
CA LYS B 660 24.92 -4.65 -4.74
C LYS B 660 24.46 -3.36 -5.43
N GLU B 661 25.12 -2.99 -6.53
CA GLU B 661 24.77 -1.78 -7.27
C GLU B 661 23.75 -2.03 -8.38
N ARG B 662 23.35 -3.29 -8.59
CA ARG B 662 22.43 -3.65 -9.67
C ARG B 662 21.21 -4.37 -9.13
N ARG B 663 20.63 -3.85 -8.05
CA ARG B 663 19.39 -4.42 -7.54
C ARG B 663 18.27 -4.17 -8.53
N LEU B 664 17.59 -5.24 -8.94
CA LEU B 664 16.61 -5.18 -10.00
C LEU B 664 15.31 -4.55 -9.50
N LEU B 665 14.73 -3.69 -10.33
CA LEU B 665 13.43 -3.11 -10.06
C LEU B 665 12.34 -4.00 -10.64
N ASN B 666 11.07 -3.57 -10.52
CA ASN B 666 9.93 -4.35 -10.96
C ASN B 666 9.06 -3.49 -11.88
N PRO B 667 9.40 -3.43 -13.17
CA PRO B 667 8.57 -2.63 -14.09
C PRO B 667 7.12 -3.07 -14.15
N LEU B 668 6.85 -4.38 -14.01
CA LEU B 668 5.50 -4.93 -14.14
C LEU B 668 5.05 -5.51 -12.81
N PRO B 669 4.29 -4.78 -12.00
CA PRO B 669 3.84 -5.32 -10.72
C PRO B 669 2.92 -6.52 -10.90
N PHE B 670 2.98 -7.45 -9.94
CA PHE B 670 2.08 -8.59 -9.92
C PHE B 670 1.91 -9.05 -8.48
N TYR B 671 0.81 -9.75 -8.22
CA TYR B 671 0.48 -10.22 -6.88
C TYR B 671 1.34 -11.45 -6.57
N SER B 672 2.46 -11.23 -5.88
CA SER B 672 3.37 -12.31 -5.53
C SER B 672 3.07 -12.92 -4.17
N SER B 673 2.21 -12.30 -3.37
CA SER B 673 1.91 -12.81 -2.05
C SER B 673 1.00 -14.04 -2.14
N PHE B 674 1.17 -14.95 -1.17
CA PHE B 674 0.33 -16.13 -1.07
C PHE B 674 -0.78 -16.00 -0.05
N VAL B 675 -0.64 -15.11 0.93
CA VAL B 675 -1.74 -14.84 1.86
C VAL B 675 -2.89 -14.20 1.07
N PRO B 676 -4.12 -14.69 1.20
CA PRO B 676 -5.21 -14.12 0.40
C PRO B 676 -5.35 -12.63 0.63
N MET B 677 -5.55 -11.89 -0.46
CA MET B 677 -5.69 -10.44 -0.39
C MET B 677 -7.13 -10.06 -0.10
N HIS B 678 -7.31 -8.82 0.35
CA HIS B 678 -8.65 -8.32 0.66
C HIS B 678 -9.42 -8.04 -0.63
N ILE B 679 -10.65 -8.54 -0.69
CA ILE B 679 -11.52 -8.32 -1.83
C ILE B 679 -12.48 -7.19 -1.47
N ARG B 680 -13.00 -6.52 -2.50
CA ARG B 680 -13.95 -5.43 -2.34
C ARG B 680 -15.32 -5.92 -2.80
N ILE B 681 -16.32 -5.81 -1.92
CA ILE B 681 -17.67 -6.26 -2.19
C ILE B 681 -18.58 -5.04 -2.15
N ASP B 682 -19.28 -4.79 -3.25
CA ASP B 682 -20.23 -3.71 -3.37
C ASP B 682 -21.64 -4.28 -3.41
N THR B 683 -22.62 -3.39 -3.61
CA THR B 683 -24.00 -3.85 -3.72
C THR B 683 -24.17 -4.80 -4.90
N SER B 684 -23.57 -4.47 -6.04
CA SER B 684 -23.62 -5.38 -7.19
C SER B 684 -22.83 -6.65 -6.90
N GLY B 685 -21.65 -6.53 -6.31
CA GLY B 685 -20.85 -7.71 -6.02
C GLY B 685 -21.54 -8.63 -5.04
N LEU B 686 -22.06 -8.06 -3.94
CA LEU B 686 -22.81 -8.87 -2.98
C LEU B 686 -24.09 -9.42 -3.59
N SER B 687 -24.70 -8.68 -4.50
CA SER B 687 -25.99 -9.10 -5.07
C SER B 687 -25.86 -10.42 -5.81
N GLN B 688 -24.80 -10.58 -6.60
CA GLN B 688 -24.65 -11.77 -7.44
C GLN B 688 -23.87 -12.88 -6.77
N LEU B 689 -23.11 -12.58 -5.71
CA LEU B 689 -22.31 -13.61 -5.06
C LEU B 689 -23.17 -14.52 -4.18
N LEU B 690 -24.19 -13.94 -3.53
CA LEU B 690 -24.95 -14.64 -2.50
C LEU B 690 -26.46 -14.58 -2.78
N MET B 691 -26.86 -14.79 -4.03
CA MET B 691 -28.27 -14.75 -4.39
C MET B 691 -28.57 -15.76 -5.47
N THR B 692 -29.82 -16.21 -5.49
CA THR B 692 -30.35 -17.07 -6.54
C THR B 692 -31.83 -16.72 -6.71
N LYS B 693 -32.48 -17.38 -7.67
CA LYS B 693 -33.89 -17.08 -7.91
C LYS B 693 -34.73 -17.39 -6.68
N ASP B 694 -34.47 -18.51 -6.03
CA ASP B 694 -35.22 -18.84 -4.81
C ASP B 694 -34.99 -17.79 -3.73
N ARG B 695 -33.74 -17.36 -3.56
CA ARG B 695 -33.45 -16.33 -2.57
C ARG B 695 -33.89 -14.96 -3.06
N LEU B 696 -33.80 -14.71 -4.37
CA LEU B 696 -34.22 -13.42 -4.92
C LEU B 696 -35.70 -13.18 -4.70
N ASP B 697 -36.52 -14.23 -4.90
CA ASP B 697 -37.95 -14.09 -4.66
C ASP B 697 -38.24 -13.79 -3.19
N ASP B 698 -37.45 -14.36 -2.28
CA ASP B 698 -37.62 -14.07 -0.87
C ASP B 698 -37.39 -12.59 -0.58
N PHE B 699 -36.38 -12.00 -1.21
CA PHE B 699 -36.13 -10.57 -1.04
C PHE B 699 -37.32 -9.76 -1.51
N LYS B 700 -37.90 -10.12 -2.65
CA LYS B 700 -39.09 -9.42 -3.13
C LYS B 700 -40.26 -9.59 -2.18
N ARG B 701 -40.47 -10.81 -1.68
CA ARG B 701 -41.56 -11.04 -0.73
C ARG B 701 -41.33 -10.25 0.56
N SER B 702 -40.11 -10.30 1.09
CA SER B 702 -39.81 -9.55 2.30
C SER B 702 -39.92 -8.04 2.07
N TYR B 703 -39.42 -7.56 0.92
CA TYR B 703 -39.51 -6.14 0.62
C TYR B 703 -40.95 -5.69 0.49
N LEU B 704 -41.78 -6.52 -0.17
CA LEU B 704 -43.19 -6.16 -0.34
C LEU B 704 -43.90 -6.08 1.00
N ALA B 705 -43.63 -7.03 1.90
CA ALA B 705 -44.32 -7.05 3.19
C ALA B 705 -43.98 -5.80 4.01
N GLU B 706 -42.71 -5.41 4.02
CA GLU B 706 -42.29 -4.29 4.86
C GLU B 706 -42.57 -2.94 4.23
N PHE B 707 -42.47 -2.83 2.90
CA PHE B 707 -42.64 -1.57 2.20
C PHE B 707 -43.90 -1.49 1.34
N GLY B 708 -44.45 -2.62 0.92
CA GLY B 708 -45.67 -2.61 0.14
C GLY B 708 -45.50 -2.19 -1.31
N VAL B 709 -44.28 -2.14 -1.81
CA VAL B 709 -44.00 -1.76 -3.19
C VAL B 709 -43.40 -2.95 -3.91
N SER B 710 -44.05 -3.38 -4.99
CA SER B 710 -43.54 -4.49 -5.78
C SER B 710 -42.30 -4.08 -6.56
N LEU B 711 -41.35 -5.00 -6.68
CA LEU B 711 -40.10 -4.75 -7.39
C LEU B 711 -40.14 -5.46 -8.74
N ASN B 712 -39.82 -4.72 -9.80
CA ASN B 712 -39.82 -5.27 -11.16
C ASN B 712 -38.50 -5.98 -11.44
N ILE B 713 -38.26 -7.05 -10.68
CA ILE B 713 -37.08 -7.89 -10.82
C ILE B 713 -37.55 -9.30 -11.13
N LYS B 714 -37.09 -9.85 -12.24
CA LYS B 714 -37.51 -11.17 -12.71
C LYS B 714 -36.51 -12.27 -12.38
N ASN B 715 -35.22 -12.00 -12.48
CA ASN B 715 -34.21 -13.02 -12.27
C ASN B 715 -32.90 -12.35 -11.85
N LYS B 716 -31.86 -13.16 -11.70
CA LYS B 716 -30.56 -12.66 -11.24
C LYS B 716 -29.91 -11.73 -12.25
N GLY B 717 -30.37 -11.73 -13.51
CA GLY B 717 -29.82 -10.86 -14.51
C GLY B 717 -30.39 -9.46 -14.46
N ASP B 718 -31.70 -9.36 -14.26
CA ASP B 718 -32.37 -8.06 -14.15
C ASP B 718 -32.35 -7.52 -12.73
N MET B 719 -31.71 -8.24 -11.79
CA MET B 719 -31.69 -7.80 -10.40
C MET B 719 -31.02 -6.44 -10.25
N LEU B 720 -29.91 -6.21 -10.96
CA LEU B 720 -29.14 -4.99 -10.84
C LEU B 720 -29.55 -3.91 -11.84
N ALA B 721 -30.82 -3.90 -12.26
CA ALA B 721 -31.30 -2.86 -13.14
C ALA B 721 -31.35 -1.52 -12.40
N SER B 722 -31.54 -0.46 -13.17
CA SER B 722 -31.61 0.88 -12.60
C SER B 722 -32.85 1.03 -11.71
N PHE B 723 -32.81 2.04 -10.85
CA PHE B 723 -33.93 2.28 -9.95
C PHE B 723 -35.22 2.50 -10.72
N GLU B 724 -35.13 3.21 -11.85
CA GLU B 724 -36.33 3.50 -12.63
C GLU B 724 -37.01 2.23 -13.11
N LYS B 725 -36.22 1.26 -13.58
CA LYS B 725 -36.81 0.02 -14.08
C LYS B 725 -37.34 -0.84 -12.93
N ILE B 726 -36.64 -0.85 -11.79
CA ILE B 726 -37.05 -1.71 -10.69
C ILE B 726 -38.41 -1.28 -10.15
N PHE B 727 -38.58 0.02 -9.89
CA PHE B 727 -39.82 0.54 -9.33
C PHE B 727 -40.76 1.12 -10.38
N GLY B 728 -40.28 1.36 -11.60
CA GLY B 728 -41.10 1.96 -12.64
C GLY B 728 -41.18 3.47 -12.58
N ARG B 729 -40.54 4.10 -11.60
CA ARG B 729 -40.54 5.55 -11.49
C ARG B 729 -39.20 6.00 -10.91
N LYS B 730 -38.81 7.22 -11.24
CA LYS B 730 -37.54 7.75 -10.78
C LYS B 730 -37.59 8.07 -9.29
N ALA B 731 -36.45 7.88 -8.62
CA ALA B 731 -36.36 8.17 -7.20
C ALA B 731 -36.45 9.68 -6.97
N THR B 732 -37.03 10.05 -5.82
CA THR B 732 -37.14 11.46 -5.46
C THR B 732 -35.76 12.10 -5.32
N SER B 733 -34.79 11.36 -4.80
CA SER B 733 -33.45 11.87 -4.61
C SER B 733 -32.48 10.71 -4.60
N ASN B 734 -31.18 11.03 -4.74
CA ASN B 734 -30.16 9.99 -4.71
C ASN B 734 -30.18 9.21 -3.41
N ARG B 735 -30.58 9.85 -2.31
CA ARG B 735 -30.62 9.16 -1.03
C ARG B 735 -31.62 8.01 -1.05
N GLU B 736 -32.79 8.22 -1.69
CA GLU B 736 -33.77 7.15 -1.76
C GLU B 736 -33.22 5.94 -2.51
N ALA B 737 -32.51 6.18 -3.62
CA ALA B 737 -31.88 5.08 -4.34
C ALA B 737 -30.83 4.40 -3.48
N GLY B 738 -30.05 5.18 -2.74
CA GLY B 738 -29.04 4.58 -1.88
C GLY B 738 -29.66 3.73 -0.77
N LEU B 739 -30.79 4.17 -0.24
CA LEU B 739 -31.45 3.40 0.81
C LEU B 739 -31.89 2.02 0.31
N TYR B 740 -32.22 1.92 -0.98
CA TYR B 740 -32.57 0.61 -1.53
C TYR B 740 -31.41 -0.36 -1.41
N ALA B 741 -30.20 0.10 -1.68
CA ALA B 741 -29.03 -0.75 -1.51
C ALA B 741 -28.85 -1.17 -0.07
N THR B 742 -29.08 -0.24 0.87
CA THR B 742 -28.92 -0.57 2.29
C THR B 742 -29.88 -1.67 2.70
N GLU B 743 -31.14 -1.60 2.25
CA GLU B 743 -32.10 -2.65 2.58
C GLU B 743 -31.66 -3.99 2.00
N MET B 744 -31.14 -3.98 0.77
CA MET B 744 -30.64 -5.21 0.18
C MET B 744 -29.47 -5.77 0.99
N TRP B 745 -28.60 -4.89 1.49
CA TRP B 745 -27.54 -5.32 2.38
C TRP B 745 -28.10 -5.95 3.65
N SER B 746 -29.16 -5.36 4.19
CA SER B 746 -29.76 -5.91 5.41
C SER B 746 -30.29 -7.31 5.19
N PHE B 747 -30.94 -7.54 4.03
CA PHE B 747 -31.45 -8.87 3.74
C PHE B 747 -30.33 -9.89 3.59
N LEU B 748 -29.23 -9.50 2.96
CA LEU B 748 -28.13 -10.42 2.70
C LEU B 748 -27.12 -10.52 3.83
N THR B 749 -27.00 -9.48 4.67
CA THR B 749 -26.02 -9.45 5.74
C THR B 749 -26.69 -9.06 7.04
N ASN B 750 -25.90 -9.07 8.11
CA ASN B 750 -26.35 -8.68 9.45
C ASN B 750 -25.96 -7.25 9.77
N LEU B 751 -26.01 -6.37 8.77
CA LEU B 751 -25.57 -4.99 8.96
C LEU B 751 -26.33 -4.30 10.07
N LYS B 752 -27.65 -4.52 10.14
CA LYS B 752 -28.50 -3.84 11.11
C LYS B 752 -28.76 -4.68 12.35
N THR B 753 -28.07 -5.80 12.52
CA THR B 753 -28.26 -6.65 13.69
C THR B 753 -26.96 -7.11 14.34
N CYS B 754 -25.81 -6.80 13.77
CA CYS B 754 -24.54 -7.28 14.33
C CYS B 754 -23.95 -6.22 15.26
N ARG B 755 -22.85 -6.61 15.92
CA ARG B 755 -22.21 -5.71 16.88
C ARG B 755 -21.72 -4.44 16.21
N GLN B 756 -21.18 -4.55 14.99
CA GLN B 756 -20.57 -3.39 14.34
C GLN B 756 -21.60 -2.31 13.98
N TRP B 757 -22.89 -2.60 14.06
CA TRP B 757 -23.90 -1.60 13.72
C TRP B 757 -23.85 -0.40 14.67
N LYS B 758 -23.21 -0.55 15.83
CA LYS B 758 -23.09 0.57 16.75
C LYS B 758 -22.32 1.72 16.11
N GLU B 759 -21.25 1.40 15.38
CA GLU B 759 -20.37 2.40 14.79
C GLU B 759 -20.81 2.84 13.40
N LEU B 760 -21.91 2.31 12.88
CA LEU B 760 -22.40 2.63 11.55
C LEU B 760 -23.77 3.29 11.53
N ASP B 761 -24.49 3.31 12.65
CA ASP B 761 -25.86 3.82 12.68
C ASP B 761 -25.84 5.34 12.91
N GLY B 762 -25.39 6.05 11.88
CA GLY B 762 -25.39 7.51 11.93
C GLY B 762 -24.62 8.07 13.10
N VAL B 763 -23.44 7.50 13.39
CA VAL B 763 -22.65 7.95 14.52
C VAL B 763 -22.02 9.29 14.22
N VAL B 764 -22.20 10.25 15.13
CA VAL B 764 -21.60 11.57 15.04
C VAL B 764 -20.56 11.68 16.15
N ARG B 765 -19.30 11.83 15.77
CA ARG B 765 -18.23 11.91 16.75
C ARG B 765 -18.30 13.23 17.52
N LYS B 766 -17.80 13.20 18.75
CA LYS B 766 -18.05 14.30 19.69
C LYS B 766 -17.44 15.61 19.21
N ASN B 767 -16.20 15.56 18.71
CA ASN B 767 -15.41 16.77 18.46
C ASN B 767 -15.18 17.02 16.98
N ASP B 768 -16.18 16.78 16.14
CA ASP B 768 -16.09 17.14 14.73
C ASP B 768 -16.51 18.60 14.56
N PRO B 769 -15.65 19.48 14.05
CA PRO B 769 -16.09 20.87 13.85
C PRO B 769 -17.31 21.00 12.97
N LYS B 770 -17.43 20.17 11.94
CA LYS B 770 -18.57 20.21 11.04
C LYS B 770 -19.74 19.37 11.51
N GLY B 771 -19.56 18.58 12.56
CA GLY B 771 -20.64 17.73 13.04
C GLY B 771 -21.11 16.74 11.99
N THR B 772 -20.17 16.15 11.24
CA THR B 772 -20.53 15.24 10.17
C THR B 772 -21.20 13.98 10.73
N GLN B 773 -22.26 13.53 10.06
CA GLN B 773 -22.95 12.30 10.42
C GLN B 773 -22.58 11.23 9.40
N TRP B 774 -22.02 10.13 9.88
CA TRP B 774 -21.47 9.08 9.02
C TRP B 774 -22.37 7.86 9.06
N MET B 775 -22.62 7.28 7.88
CA MET B 775 -23.47 6.11 7.74
C MET B 775 -22.86 5.16 6.71
N PHE B 776 -23.36 3.93 6.71
CA PHE B 776 -22.80 2.89 5.85
C PHE B 776 -22.91 3.29 4.38
N ASP B 777 -21.86 2.97 3.62
CA ASP B 777 -21.74 3.40 2.22
C ASP B 777 -22.03 2.28 1.24
N ASN B 778 -22.63 1.18 1.70
CA ASN B 778 -23.00 0.06 0.82
C ASN B 778 -21.78 -0.59 0.19
N ALA B 779 -20.63 -0.51 0.86
CA ALA B 779 -19.39 -1.09 0.35
C ALA B 779 -18.59 -1.66 1.51
N VAL B 780 -18.01 -2.83 1.29
CA VAL B 780 -17.23 -3.53 2.31
C VAL B 780 -15.99 -4.12 1.66
N VAL B 781 -14.86 -4.01 2.33
CA VAL B 781 -13.61 -4.65 1.93
C VAL B 781 -13.25 -5.64 3.03
N THR B 782 -13.10 -6.91 2.65
CA THR B 782 -12.87 -7.98 3.63
C THR B 782 -12.03 -9.07 3.01
N ASP B 783 -11.43 -9.88 3.88
CA ASP B 783 -10.63 -11.03 3.46
C ASP B 783 -11.05 -12.31 4.18
N GLY B 784 -12.24 -12.31 4.79
CA GLY B 784 -12.72 -13.46 5.54
C GLY B 784 -12.33 -13.46 7.00
N VAL B 785 -11.44 -12.56 7.42
CA VAL B 785 -11.04 -12.45 8.82
C VAL B 785 -11.27 -11.01 9.27
N SER B 786 -10.69 -10.07 8.54
CA SER B 786 -10.87 -8.65 8.81
C SER B 786 -11.86 -8.06 7.82
N ILE B 787 -12.65 -7.09 8.30
CA ILE B 787 -13.68 -6.45 7.50
C ILE B 787 -13.53 -4.94 7.63
N SER B 788 -13.68 -4.24 6.50
CA SER B 788 -13.49 -2.79 6.43
C SER B 788 -14.77 -2.18 5.87
N PHE B 789 -15.65 -1.72 6.76
CA PHE B 789 -16.88 -1.09 6.33
C PHE B 789 -16.61 0.30 5.81
N GLN B 790 -17.26 0.66 4.70
CA GLN B 790 -17.11 1.98 4.10
C GLN B 790 -18.23 2.88 4.61
N VAL B 791 -17.84 4.03 5.19
CA VAL B 791 -18.78 4.96 5.79
C VAL B 791 -18.53 6.33 5.19
N ILE B 792 -19.60 7.01 4.79
CA ILE B 792 -19.51 8.31 4.12
C ILE B 792 -20.46 9.29 4.80
N ASP B 793 -20.26 10.56 4.48
CA ASP B 793 -21.12 11.61 5.03
C ASP B 793 -22.56 11.38 4.64
N ASN B 794 -23.47 11.65 5.57
CA ASN B 794 -24.90 11.44 5.30
C ASN B 794 -25.40 12.35 4.19
N SER B 795 -24.88 13.57 4.10
CA SER B 795 -25.34 14.50 3.07
C SER B 795 -25.03 14.00 1.67
N MET B 796 -23.88 13.34 1.49
CA MET B 796 -23.46 12.85 0.18
C MET B 796 -23.84 11.40 -0.06
N PHE B 797 -24.61 10.80 0.84
CA PHE B 797 -25.01 9.40 0.68
C PHE B 797 -25.90 9.25 -0.55
N GLY B 798 -25.70 8.15 -1.27
CA GLY B 798 -26.53 7.84 -2.43
C GLY B 798 -25.71 7.12 -3.48
N ARG B 799 -26.42 6.69 -4.52
CA ARG B 799 -25.76 6.03 -5.64
C ARG B 799 -24.78 6.99 -6.32
N LYS B 800 -23.63 6.46 -6.71
CA LYS B 800 -22.56 7.27 -7.27
C LYS B 800 -22.64 7.26 -8.80
N ALA B 801 -21.72 8.00 -9.42
CA ALA B 801 -21.70 8.13 -10.87
C ALA B 801 -20.26 8.10 -11.37
N PHE B 802 -20.10 7.83 -12.66
CA PHE B 802 -18.79 7.75 -13.25
C PHE B 802 -18.09 9.10 -13.24
N SER B 803 -16.77 9.06 -13.17
CA SER B 803 -15.96 10.28 -13.20
C SER B 803 -14.57 9.98 -13.75
N ARG B 825 0.58 30.82 16.09
CA ARG B 825 1.63 31.83 16.02
C ARG B 825 1.95 32.36 17.41
N GLU B 826 0.92 32.86 18.11
CA GLU B 826 1.08 33.38 19.45
C GLU B 826 1.03 32.31 20.53
N GLU B 827 0.67 31.08 20.17
CA GLU B 827 0.57 30.01 21.16
C GLU B 827 1.94 29.56 21.67
N LEU B 828 3.01 29.89 20.95
CA LEU B 828 4.34 29.48 21.39
C LEU B 828 4.70 30.09 22.73
N LYS B 829 4.21 31.29 23.02
CA LYS B 829 4.56 31.97 24.26
C LYS B 829 4.06 31.20 25.48
N THR B 830 2.85 30.69 25.42
CA THR B 830 2.23 30.03 26.57
C THR B 830 2.41 28.52 26.57
N SER B 831 2.56 27.90 25.41
CA SER B 831 2.67 26.45 25.33
C SER B 831 4.06 26.00 25.74
N LYS B 832 4.17 24.70 26.05
CA LYS B 832 5.45 24.09 26.39
C LYS B 832 6.05 23.47 25.13
N LEU B 833 7.31 23.79 24.86
CA LEU B 833 7.94 23.44 23.60
C LEU B 833 8.86 22.24 23.77
N LEU B 834 8.83 21.34 22.79
CA LEU B 834 9.67 20.16 22.77
C LEU B 834 10.27 19.99 21.38
N GLY B 835 11.41 19.31 21.33
CA GLY B 835 12.10 19.02 20.08
C GLY B 835 12.02 17.54 19.75
N CYS B 836 11.94 17.23 18.45
CA CYS B 836 11.83 15.86 18.00
C CYS B 836 12.77 15.63 16.81
N ASP B 837 13.38 14.45 16.77
CA ASP B 837 14.28 14.07 15.69
C ASP B 837 13.89 12.68 15.19
N PRO B 838 13.30 12.57 13.99
CA PRO B 838 12.86 11.26 13.52
C PRO B 838 14.01 10.38 13.08
N GLY B 839 13.70 9.10 12.93
CA GLY B 839 14.67 8.13 12.46
C GLY B 839 13.98 6.85 12.05
N LYS B 840 14.78 5.80 11.87
CA LYS B 840 14.24 4.49 11.54
C LYS B 840 14.66 3.39 12.50
N ARG B 841 15.68 3.60 13.32
CA ARG B 841 15.96 2.75 14.48
C ARG B 841 15.35 3.32 15.74
N ASP B 842 15.69 4.57 16.08
CA ASP B 842 14.98 5.35 17.08
C ASP B 842 13.93 6.15 16.33
N ILE B 843 12.70 5.61 16.27
CA ILE B 843 11.69 6.17 15.39
C ILE B 843 11.45 7.64 15.73
N LEU B 844 11.33 7.96 17.01
CA LEU B 844 11.16 9.34 17.46
C LEU B 844 11.98 9.56 18.72
N ALA B 845 12.72 10.66 18.75
CA ALA B 845 13.51 11.06 19.91
C ALA B 845 13.04 12.45 20.34
N ILE B 846 12.34 12.51 21.47
CA ILE B 846 11.73 13.74 21.95
C ILE B 846 12.42 14.15 23.24
N THR B 847 12.86 15.40 23.31
CA THR B 847 13.56 15.94 24.47
C THR B 847 13.00 17.30 24.82
N ASP B 848 13.05 17.62 26.12
CA ASP B 848 12.63 18.92 26.61
C ASP B 848 13.80 19.84 26.92
N GLY B 849 15.01 19.47 26.48
CA GLY B 849 16.20 20.23 26.78
C GLY B 849 16.94 19.78 28.02
N ILE B 850 16.30 19.00 28.89
CA ILE B 850 16.96 18.46 30.08
C ILE B 850 16.86 16.96 30.17
N LYS B 851 15.90 16.32 29.52
CA LYS B 851 15.79 14.87 29.51
C LYS B 851 15.20 14.45 28.16
N THR B 852 15.51 13.22 27.76
CA THR B 852 15.12 12.73 26.44
C THR B 852 14.48 11.35 26.57
N ILE B 853 13.50 11.10 25.71
CA ILE B 853 12.84 9.80 25.61
C ILE B 853 12.77 9.43 24.13
N CYS B 854 13.08 8.16 23.83
CA CYS B 854 13.14 7.68 22.46
C CYS B 854 12.15 6.54 22.25
N TYR B 855 11.48 6.56 21.10
CA TYR B 855 10.55 5.51 20.71
C TYR B 855 11.29 4.57 19.77
N THR B 856 12.04 3.66 20.38
CA THR B 856 12.91 2.77 19.62
C THR B 856 12.09 1.78 18.79
N LYS B 857 12.68 1.35 17.67
CA LYS B 857 12.03 0.36 16.82
C LYS B 857 11.79 -0.94 17.56
N GLY B 858 12.67 -1.27 18.51
CA GLY B 858 12.47 -2.48 19.30
C GLY B 858 11.19 -2.43 20.12
N GLN B 859 10.84 -1.24 20.62
CA GLN B 859 9.63 -1.11 21.42
C GLN B 859 8.40 -1.48 20.59
N ARG B 860 8.31 -1.00 19.36
CA ARG B 860 7.18 -1.33 18.50
C ARG B 860 7.16 -2.83 18.18
N ASP B 861 8.34 -3.41 17.93
CA ASP B 861 8.40 -4.83 17.63
C ASP B 861 7.88 -5.66 18.80
N MET B 862 8.27 -5.30 20.02
CA MET B 862 7.76 -6.00 21.19
C MET B 862 6.26 -5.80 21.34
N ASP B 863 5.78 -4.58 21.10
CA ASP B 863 4.34 -4.32 21.19
C ASP B 863 3.58 -5.10 20.14
N THR B 864 4.11 -5.17 18.91
CA THR B 864 3.45 -5.89 17.83
C THR B 864 3.76 -7.38 17.84
N HIS B 865 4.57 -7.86 18.77
CA HIS B 865 4.89 -9.28 18.88
C HIS B 865 5.53 -9.80 17.60
N LYS B 866 6.53 -9.07 17.11
CA LYS B 866 7.18 -9.46 15.86
C LYS B 866 7.86 -10.82 15.99
N THR B 867 8.56 -11.05 17.10
CA THR B 867 9.31 -12.30 17.25
C THR B 867 8.39 -13.50 17.20
N ILE B 868 7.24 -13.43 17.88
CA ILE B 868 6.30 -14.54 17.85
C ILE B 868 5.70 -14.71 16.47
N ARG B 869 5.35 -13.59 15.81
CA ARG B 869 4.77 -13.68 14.48
C ARG B 869 5.73 -14.33 13.49
N LEU B 870 7.01 -13.96 13.56
CA LEU B 870 8.02 -14.66 12.76
C LEU B 870 8.14 -16.12 13.18
N ARG B 871 8.11 -16.37 14.49
CA ARG B 871 8.22 -17.75 14.97
C ARG B 871 7.05 -18.60 14.49
N THR B 872 5.83 -18.07 14.54
CA THR B 872 4.66 -18.83 14.13
C THR B 872 4.64 -19.03 12.61
N SER B 873 5.00 -17.99 11.86
CA SER B 873 4.98 -18.09 10.40
C SER B 873 5.96 -19.14 9.92
N LEU B 874 7.18 -19.15 10.48
CA LEU B 874 8.16 -20.16 10.08
C LEU B 874 7.70 -21.56 10.41
N LYS B 875 7.09 -21.74 11.59
CA LYS B 875 6.65 -23.07 12.00
C LYS B 875 5.60 -23.63 11.03
N ARG B 876 4.64 -22.81 10.63
CA ARG B 876 3.64 -23.27 9.66
C ARG B 876 4.29 -23.60 8.32
N ARG B 877 5.20 -22.74 7.87
CA ARG B 877 5.89 -23.02 6.61
C ARG B 877 6.73 -24.29 6.72
N ARG B 878 7.40 -24.48 7.86
CA ARG B 878 8.19 -25.69 8.06
C ARG B 878 7.29 -26.92 8.19
N GLY B 879 6.14 -26.75 8.85
CA GLY B 879 5.25 -27.89 9.04
C GLY B 879 4.74 -28.47 7.74
N CYS B 880 4.41 -27.61 6.78
CA CYS B 880 3.91 -28.06 5.49
C CYS B 880 5.00 -28.60 4.58
N GLY B 881 6.27 -28.48 4.97
CA GLY B 881 7.36 -28.94 4.13
C GLY B 881 7.80 -27.97 3.07
N LEU B 882 7.27 -26.74 3.07
CA LEU B 882 7.63 -25.75 2.08
C LEU B 882 8.96 -25.07 2.38
N GLU B 883 9.52 -25.25 3.58
CA GLU B 883 10.78 -24.59 3.92
C GLU B 883 11.90 -25.06 3.01
N GLU B 884 11.98 -26.36 2.74
CA GLU B 884 13.03 -26.89 1.88
C GLU B 884 12.83 -26.49 0.42
N TYR B 885 11.65 -26.02 0.04
CA TYR B 885 11.36 -25.60 -1.32
C TYR B 885 11.31 -24.10 -1.49
N GLU B 886 10.60 -23.40 -0.61
CA GLU B 886 10.47 -21.94 -0.73
C GLU B 886 11.81 -21.26 -0.62
N THR B 887 12.63 -21.65 0.37
CA THR B 887 13.92 -21.02 0.57
C THR B 887 14.97 -21.48 -0.44
N GLN B 888 14.84 -22.70 -0.95
CA GLN B 888 15.88 -23.28 -1.80
C GLN B 888 15.67 -23.00 -3.28
N VAL B 889 14.44 -23.12 -3.77
CA VAL B 889 14.18 -23.06 -5.20
C VAL B 889 13.79 -21.64 -5.62
N MET B 890 12.67 -21.14 -5.07
CA MET B 890 12.15 -19.85 -5.51
C MET B 890 13.08 -18.70 -5.16
N ASN B 891 14.00 -18.89 -4.21
CA ASN B 891 14.92 -17.82 -3.87
C ASN B 891 15.98 -17.60 -4.95
N ARG B 892 16.29 -18.66 -5.71
CA ARG B 892 17.30 -18.54 -6.76
C ARG B 892 16.75 -17.81 -7.98
N PHE B 893 15.63 -18.28 -8.51
CA PHE B 893 15.02 -17.66 -9.68
C PHE B 893 14.39 -16.34 -9.27
N GLN B 894 14.99 -15.23 -9.71
CA GLN B 894 14.50 -13.91 -9.34
C GLN B 894 13.18 -13.64 -10.05
N LYS B 895 12.14 -13.34 -9.27
CA LYS B 895 10.82 -13.05 -9.84
C LYS B 895 10.82 -11.73 -10.60
N ARG B 896 11.70 -10.80 -10.26
CA ARG B 896 11.76 -9.50 -10.93
C ARG B 896 12.41 -9.58 -12.31
N SER B 897 12.97 -10.73 -12.69
CA SER B 897 13.63 -10.84 -13.98
C SER B 897 12.67 -10.53 -15.11
N CYS B 898 13.11 -9.70 -16.04
CA CYS B 898 12.31 -9.31 -17.20
C CYS B 898 12.57 -10.19 -18.41
N HIS B 899 13.53 -11.10 -18.34
CA HIS B 899 13.78 -12.01 -19.45
C HIS B 899 12.69 -13.09 -19.48
N PRO B 900 11.99 -13.27 -20.60
CA PRO B 900 10.92 -14.29 -20.62
C PRO B 900 11.39 -15.66 -20.21
N GLU B 901 12.59 -16.08 -20.62
CA GLU B 901 13.09 -17.39 -20.25
C GLU B 901 13.29 -17.50 -18.75
N MET B 902 13.91 -16.48 -18.14
CA MET B 902 14.15 -16.51 -16.70
C MET B 902 12.83 -16.42 -15.92
N PHE B 903 11.96 -15.49 -16.32
CA PHE B 903 10.68 -15.35 -15.63
C PHE B 903 9.83 -16.60 -15.77
N ARG B 904 9.88 -17.24 -16.94
CA ARG B 904 9.12 -18.47 -17.14
C ARG B 904 9.56 -19.54 -16.15
N ARG B 905 10.86 -19.62 -15.88
CA ARG B 905 11.35 -20.61 -14.92
C ARG B 905 10.76 -20.37 -13.54
N TYR B 906 10.67 -19.10 -13.11
CA TYR B 906 10.03 -18.78 -11.84
C TYR B 906 8.56 -19.15 -11.86
N ALA B 907 7.87 -18.86 -12.96
CA ALA B 907 6.43 -19.10 -13.02
C ALA B 907 6.12 -20.59 -12.89
N CYS B 908 6.77 -21.42 -13.70
CA CYS B 908 6.49 -22.85 -13.66
C CYS B 908 6.97 -23.49 -12.37
N SER B 909 8.09 -23.00 -11.82
CA SER B 909 8.57 -23.54 -10.55
C SER B 909 7.55 -23.31 -9.44
N ARG B 910 6.95 -22.12 -9.39
CA ARG B 910 5.89 -21.87 -8.42
C ARG B 910 4.68 -22.76 -8.69
N LYS B 911 4.32 -22.94 -9.96
CA LYS B 911 3.10 -23.69 -10.29
C LYS B 911 3.16 -25.11 -9.75
N ARG B 912 4.36 -25.69 -9.69
CA ARG B 912 4.49 -27.06 -9.17
C ARG B 912 4.14 -27.15 -7.70
N MET B 913 4.14 -26.03 -6.97
CA MET B 913 3.83 -26.02 -5.54
C MET B 913 2.77 -24.98 -5.20
N GLU B 914 2.04 -24.47 -6.19
CA GLU B 914 1.04 -23.44 -5.91
C GLU B 914 -0.04 -23.95 -4.98
N HIS B 915 -0.50 -25.19 -5.20
CA HIS B 915 -1.55 -25.75 -4.35
C HIS B 915 -1.09 -25.84 -2.90
N MET B 916 0.12 -26.35 -2.68
CA MET B 916 0.66 -26.43 -1.32
C MET B 916 0.88 -25.03 -0.74
N LEU B 917 1.44 -24.12 -1.55
CA LEU B 917 1.75 -22.79 -1.04
C LEU B 917 0.48 -22.03 -0.64
N LEU B 918 -0.54 -22.05 -1.50
CA LEU B 918 -1.76 -21.32 -1.20
C LEU B 918 -2.44 -21.86 0.04
N GLU B 919 -2.52 -23.19 0.17
CA GLU B 919 -3.17 -23.78 1.34
C GLU B 919 -2.41 -23.45 2.62
N CYS B 920 -1.07 -23.49 2.56
CA CYS B 920 -0.28 -23.19 3.76
C CYS B 920 -0.53 -21.77 4.24
N TYR B 921 -0.58 -20.81 3.33
CA TYR B 921 -0.80 -19.41 3.68
C TYR B 921 -2.27 -19.05 3.82
N SER B 922 -3.18 -19.94 3.44
CA SER B 922 -4.60 -19.69 3.65
C SER B 922 -5.01 -19.82 5.11
N HIS B 923 -4.11 -20.31 5.97
CA HIS B 923 -4.44 -20.46 7.37
C HIS B 923 -4.78 -19.09 7.97
N PRO B 924 -5.80 -19.00 8.84
CA PRO B 924 -6.18 -17.70 9.38
C PRO B 924 -5.09 -17.04 10.20
N VAL B 925 -4.09 -17.80 10.66
CA VAL B 925 -3.04 -17.21 11.48
C VAL B 925 -2.35 -16.06 10.75
N PHE B 926 -2.07 -16.26 9.45
CA PHE B 926 -1.41 -15.21 8.69
C PHE B 926 -2.30 -13.97 8.57
N ARG B 927 -3.60 -14.17 8.32
CA ARG B 927 -4.50 -13.02 8.22
C ARG B 927 -4.82 -12.43 9.58
N GLU B 928 -4.85 -13.26 10.63
CA GLU B 928 -5.07 -12.73 11.97
C GLU B 928 -3.93 -11.81 12.39
N PHE B 929 -2.69 -12.19 12.08
CA PHE B 929 -1.56 -11.31 12.36
C PHE B 929 -1.70 -9.98 11.67
N LYS B 930 -2.32 -9.95 10.48
CA LYS B 930 -2.49 -8.70 9.76
C LYS B 930 -3.36 -7.73 10.54
N PHE B 931 -4.39 -8.24 11.22
CA PHE B 931 -5.20 -7.39 12.07
C PHE B 931 -4.48 -7.01 13.35
N LEU B 932 -3.63 -7.90 13.88
CA LEU B 932 -2.89 -7.60 15.10
C LEU B 932 -1.96 -6.40 14.89
N VAL B 933 -1.24 -6.39 13.78
CA VAL B 933 -0.33 -5.27 13.51
C VAL B 933 -1.12 -3.97 13.41
N TYR B 934 -2.31 -4.04 12.81
CA TYR B 934 -3.18 -2.87 12.79
C TYR B 934 -3.59 -2.46 14.20
N ASN B 935 -3.90 -3.45 15.05
CA ASN B 935 -4.34 -3.15 16.41
C ASN B 935 -3.19 -2.68 17.28
N LYS B 936 -2.10 -3.46 17.33
CA LYS B 936 -1.02 -3.14 18.24
C LYS B 936 -0.21 -1.94 17.78
N THR B 937 -0.13 -1.70 16.47
CA THR B 937 0.60 -0.53 15.98
C THR B 937 -0.01 0.75 16.52
N LYS B 938 -1.34 0.86 16.51
CA LYS B 938 -2.00 1.99 17.14
C LYS B 938 -1.71 2.04 18.64
N SER B 939 -1.77 0.87 19.30
CA SER B 939 -1.52 0.82 20.73
C SER B 939 -0.11 1.29 21.05
N SER B 940 0.88 0.83 20.27
CA SER B 940 2.27 1.23 20.53
C SER B 940 2.44 2.74 20.36
N GLU B 941 1.87 3.30 19.29
CA GLU B 941 1.99 4.73 19.07
C GLU B 941 1.20 5.53 20.11
N HIS B 942 -0.04 5.12 20.38
CA HIS B 942 -0.84 5.81 21.38
C HIS B 942 -0.21 5.70 22.76
N ARG B 943 0.32 4.53 23.10
CA ARG B 943 0.94 4.35 24.40
C ARG B 943 2.14 5.28 24.57
N PHE B 944 2.95 5.42 23.52
CA PHE B 944 4.08 6.34 23.59
C PHE B 944 3.62 7.79 23.71
N MET B 945 2.53 8.14 23.03
CA MET B 945 2.01 9.51 23.13
C MET B 945 1.63 9.84 24.57
N HIS B 946 0.99 8.90 25.27
CA HIS B 946 0.67 9.13 26.67
C HIS B 946 1.93 9.29 27.51
N ARG B 947 2.96 8.48 27.21
CA ARG B 947 4.22 8.60 27.94
C ARG B 947 4.85 9.97 27.71
N VAL B 948 4.75 10.49 26.49
CA VAL B 948 5.35 11.79 26.18
C VAL B 948 4.76 12.87 27.08
N LEU B 949 3.44 12.88 27.22
CA LEU B 949 2.80 13.88 28.08
C LEU B 949 3.25 13.73 29.53
N GLU B 950 3.18 12.50 30.06
CA GLU B 950 3.49 12.29 31.46
C GLU B 950 4.92 12.69 31.78
N THR B 951 5.86 12.37 30.88
CA THR B 951 7.25 12.72 31.13
C THR B 951 7.43 14.23 31.24
N PHE B 952 6.78 14.98 30.36
CA PHE B 952 6.90 16.43 30.34
C PHE B 952 5.69 17.15 30.95
N LYS B 953 4.69 16.39 31.42
CA LYS B 953 3.52 17.03 32.03
C LYS B 953 3.90 17.81 33.27
N ARG B 954 4.76 17.24 34.12
CA ARG B 954 5.14 17.86 35.37
C ARG B 954 6.44 18.65 35.22
N PRO B 955 6.64 19.70 36.00
CA PRO B 955 7.94 20.39 35.98
C PRO B 955 9.06 19.44 36.37
N GLN B 956 10.21 19.60 35.72
CA GLN B 956 11.34 18.72 35.98
C GLN B 956 11.78 18.83 37.42
N THR B 957 11.98 17.68 38.06
CA THR B 957 12.43 17.62 39.45
C THR B 957 13.94 17.71 39.59
N ASN B 958 14.68 17.59 38.49
CA ASN B 958 16.13 17.67 38.51
C ASN B 958 16.59 18.69 37.48
N LEU B 959 17.48 19.60 37.90
CA LEU B 959 17.98 20.64 37.01
C LEU B 959 19.48 20.85 37.16
N SER B 960 20.20 19.89 37.72
CA SER B 960 21.62 20.03 37.99
C SER B 960 22.49 19.02 37.26
N LYS B 961 22.00 17.80 37.03
CA LYS B 961 22.82 16.80 36.36
C LYS B 961 23.16 17.24 34.94
N ALA B 962 22.18 17.82 34.23
CA ALA B 962 22.45 18.41 32.93
C ALA B 962 23.15 19.75 33.12
N ARG B 963 24.23 19.97 32.37
CA ARG B 963 25.07 21.14 32.54
C ARG B 963 24.93 22.16 31.42
N CYS B 964 24.90 21.70 30.17
CA CYS B 964 24.95 22.62 29.03
C CYS B 964 23.62 23.30 28.74
N ALA B 965 22.55 22.94 29.44
CA ALA B 965 21.24 23.53 29.17
C ALA B 965 21.31 25.04 29.28
N SER B 966 20.73 25.73 28.30
CA SER B 966 20.75 27.18 28.26
C SER B 966 19.66 27.76 29.17
N GLY B 967 19.75 29.07 29.42
CA GLY B 967 18.78 29.71 30.28
C GLY B 967 17.37 29.66 29.75
N VAL B 968 17.20 29.93 28.45
CA VAL B 968 15.86 29.91 27.86
C VAL B 968 15.28 28.51 27.96
N MET B 969 16.08 27.49 27.65
CA MET B 969 15.58 26.12 27.71
C MET B 969 15.23 25.73 29.14
N ARG B 970 16.02 26.20 30.12
CA ARG B 970 15.72 25.89 31.51
C ARG B 970 14.35 26.43 31.92
N MET B 971 14.04 27.66 31.51
CA MET B 971 12.74 28.24 31.85
C MET B 971 11.60 27.42 31.25
N ASN B 972 11.77 26.96 30.01
CA ASN B 972 10.70 26.21 29.36
C ASN B 972 10.40 24.91 30.10
N ALA B 973 11.44 24.23 30.59
CA ALA B 973 11.24 22.95 31.25
C ALA B 973 10.40 23.06 32.51
N LEU B 974 10.34 24.25 33.13
CA LEU B 974 9.59 24.41 34.37
C LEU B 974 8.10 24.63 34.16
N LYS B 975 7.65 24.82 32.92
CA LYS B 975 6.24 25.05 32.68
C LYS B 975 5.42 23.81 33.02
N GLU B 976 4.26 24.03 33.64
CA GLU B 976 3.32 22.96 33.96
C GLU B 976 2.21 22.95 32.93
N VAL B 977 1.97 21.78 32.34
CA VAL B 977 0.98 21.61 31.29
C VAL B 977 0.08 20.44 31.66
N GLN B 978 -1.23 20.62 31.48
CA GLN B 978 -2.21 19.62 31.87
C GLN B 978 -2.96 19.01 30.68
N ARG B 979 -2.63 19.41 29.45
CA ARG B 979 -3.35 18.95 28.28
C ARG B 979 -2.37 18.57 27.18
N HIS B 980 -2.81 17.63 26.33
CA HIS B 980 -1.98 17.23 25.19
C HIS B 980 -1.83 18.39 24.20
N GLY B 981 -2.89 19.16 23.97
CA GLY B 981 -2.86 20.21 22.97
C GLY B 981 -2.06 21.43 23.36
N ASP B 982 -1.64 21.54 24.61
CA ASP B 982 -0.84 22.66 25.06
C ASP B 982 0.66 22.41 24.94
N ILE B 983 1.07 21.28 24.36
CA ILE B 983 2.47 20.95 24.13
C ILE B 983 2.74 21.04 22.64
N ILE B 984 3.78 21.79 22.27
CA ILE B 984 4.18 21.97 20.88
C ILE B 984 5.51 21.26 20.68
N ILE B 985 5.56 20.39 19.68
CA ILE B 985 6.75 19.58 19.38
C ILE B 985 7.37 20.10 18.10
N GLY B 986 8.66 20.41 18.14
CA GLY B 986 9.36 20.89 16.97
C GLY B 986 9.96 19.77 16.15
N TRP B 987 9.28 19.40 15.08
CA TRP B 987 9.73 18.31 14.21
C TRP B 987 10.65 18.85 13.12
N GLY B 988 11.38 17.92 12.50
CA GLY B 988 12.25 18.26 11.40
C GLY B 988 11.51 18.34 10.07
N ASN B 989 12.28 18.58 9.01
CA ASN B 989 11.68 18.67 7.68
C ASN B 989 11.04 17.34 7.27
N TRP B 990 11.57 16.22 7.77
CA TRP B 990 11.03 14.91 7.45
C TRP B 990 9.61 14.77 7.97
N ILE B 1009 4.08 8.67 10.94
CA ILE B 1009 3.87 8.59 12.38
C ILE B 1009 3.45 9.97 12.91
N ARG B 1010 3.98 11.03 12.29
CA ARG B 1010 3.59 12.37 12.68
C ARG B 1010 2.11 12.62 12.42
N ARG B 1011 1.53 11.93 11.43
CA ARG B 1011 0.12 12.13 11.12
C ARG B 1011 -0.75 11.81 12.32
N ARG B 1012 -0.37 10.82 13.12
CA ARG B 1012 -1.14 10.40 14.29
C ARG B 1012 -0.70 11.13 15.56
N PHE B 1013 0.30 12.00 15.47
CA PHE B 1013 0.70 12.83 16.60
C PHE B 1013 0.02 14.18 16.61
N GLU B 1014 -0.34 14.71 15.44
CA GLU B 1014 -1.01 15.99 15.35
C GLU B 1014 -2.43 15.97 15.92
N SER B 1015 -3.01 14.78 16.09
CA SER B 1015 -4.35 14.69 16.66
C SER B 1015 -4.39 15.11 18.12
N LEU B 1016 -3.26 15.03 18.83
CA LEU B 1016 -3.18 15.39 20.24
C LEU B 1016 -2.15 16.47 20.52
N PHE B 1017 -1.00 16.43 19.85
CA PHE B 1017 0.09 17.37 20.09
C PHE B 1017 0.26 18.28 18.89
N LYS B 1018 0.28 19.59 19.14
CA LYS B 1018 0.60 20.54 18.09
C LYS B 1018 2.06 20.41 17.69
N THR B 1019 2.33 20.66 16.40
CA THR B 1019 3.66 20.42 15.85
C THR B 1019 4.08 21.59 14.98
N THR B 1020 5.41 21.73 14.83
CA THR B 1020 5.99 22.74 13.96
C THR B 1020 7.25 22.16 13.33
N THR B 1021 7.68 22.77 12.23
CA THR B 1021 8.81 22.28 11.45
C THR B 1021 10.05 23.10 11.78
N VAL B 1022 11.18 22.41 11.99
CA VAL B 1022 12.45 23.05 12.26
C VAL B 1022 13.47 22.57 11.22
N PRO B 1023 14.33 23.43 10.69
CA PRO B 1023 15.33 22.97 9.72
C PRO B 1023 16.25 21.91 10.33
N GLU B 1024 16.62 20.94 9.50
CA GLU B 1024 17.52 19.85 9.91
C GLU B 1024 18.95 20.09 9.46
N HIS B 1025 19.27 21.27 8.96
CA HIS B 1025 20.61 21.53 8.43
C HIS B 1025 21.66 21.37 9.51
N TYR B 1026 22.54 20.39 9.35
CA TYR B 1026 23.69 20.18 10.23
C TYR B 1026 23.27 19.98 11.69
N THR B 1027 22.09 19.41 11.91
CA THR B 1027 21.64 19.17 13.28
C THR B 1027 22.46 18.07 13.94
N SER B 1028 22.98 17.12 13.16
CA SER B 1028 23.75 16.01 13.71
C SER B 1028 25.21 16.36 13.95
N GLN B 1029 25.68 17.52 13.49
CA GLN B 1029 27.07 17.92 13.67
C GLN B 1029 27.26 19.05 14.68
N GLU B 1030 26.31 19.96 14.78
CA GLU B 1030 26.45 21.07 15.73
C GLU B 1030 26.45 20.56 17.16
N CYS B 1031 27.27 21.19 17.99
CA CYS B 1031 27.42 20.80 19.38
C CYS B 1031 26.50 21.64 20.27
N PRO B 1032 25.78 21.01 21.21
CA PRO B 1032 25.00 21.82 22.17
C PRO B 1032 25.86 22.79 22.96
N SER B 1033 27.11 22.43 23.24
CA SER B 1033 27.97 23.25 24.09
C SER B 1033 28.62 24.41 23.34
N CYS B 1034 28.77 24.31 22.02
CA CYS B 1034 29.55 25.26 21.27
C CYS B 1034 28.79 25.69 20.01
N LYS B 1035 29.10 26.89 19.53
CA LYS B 1035 28.60 27.33 18.24
C LYS B 1035 29.25 26.59 17.09
N GLY B 1036 30.39 25.94 17.33
CA GLY B 1036 31.09 25.19 16.31
C GLY B 1036 30.75 23.71 16.37
N ARG B 1037 30.88 23.05 15.23
CA ARG B 1037 30.55 21.62 15.11
C ARG B 1037 31.80 20.81 15.48
N CYS B 1038 31.99 20.64 16.79
CA CYS B 1038 33.14 19.91 17.31
C CYS B 1038 32.83 18.44 17.59
N LEU B 1039 31.64 17.97 17.25
CA LEU B 1039 31.27 16.58 17.51
C LEU B 1039 31.69 15.68 16.36
N ARG B 1040 32.06 14.45 16.70
CA ARG B 1040 32.41 13.44 15.71
C ARG B 1040 32.12 12.07 16.30
N LYS B 1041 32.06 11.07 15.43
CA LYS B 1041 31.77 9.70 15.87
C LYS B 1041 32.90 9.18 16.76
N ALA B 1042 32.53 8.33 17.70
CA ALA B 1042 33.49 7.81 18.67
C ALA B 1042 34.58 7.01 17.97
N THR B 1043 35.81 7.12 18.49
CA THR B 1043 36.94 6.40 17.94
C THR B 1043 37.87 6.03 19.09
N GLY B 1044 38.76 5.07 18.82
CA GLY B 1044 39.70 4.60 19.82
C GLY B 1044 39.20 3.47 20.67
N ASN B 1045 38.17 2.76 20.24
CA ASN B 1045 37.60 1.64 20.97
C ASN B 1045 37.54 0.42 20.06
N PRO B 1046 37.45 -0.78 20.64
CA PRO B 1046 37.49 -1.99 19.80
C PRO B 1046 36.43 -2.02 18.72
N ILE B 1047 35.23 -1.51 19.01
CA ILE B 1047 34.11 -1.56 18.08
C ILE B 1047 33.62 -0.14 17.82
N MET B 1048 33.35 0.16 16.54
CA MET B 1048 32.79 1.45 16.15
C MET B 1048 31.32 1.47 16.52
N ARG B 1049 31.06 1.88 17.77
CA ARG B 1049 29.69 1.90 18.28
C ARG B 1049 28.82 2.80 17.42
N HIS B 1050 27.58 2.36 17.20
CA HIS B 1050 26.76 2.93 16.13
C HIS B 1050 26.50 4.41 16.36
N HIS B 1051 25.77 4.75 17.42
CA HIS B 1051 25.29 6.11 17.63
C HIS B 1051 26.08 6.86 18.71
N LEU B 1052 27.23 6.34 19.13
CA LEU B 1052 28.03 7.01 20.15
C LEU B 1052 28.81 8.16 19.52
N LEU B 1053 28.76 9.32 20.17
CA LEU B 1053 29.43 10.52 19.68
C LEU B 1053 30.31 11.09 20.79
N ARG B 1054 31.39 11.76 20.38
CA ARG B 1054 32.34 12.36 21.30
C ARG B 1054 32.82 13.68 20.74
N CYS B 1055 33.13 14.62 21.63
CA CYS B 1055 33.69 15.89 21.24
C CYS B 1055 35.16 15.74 20.85
N THR B 1056 35.64 16.69 20.05
CA THR B 1056 37.02 16.70 19.58
C THR B 1056 37.91 17.68 20.35
N ASN B 1057 37.38 18.33 21.38
CA ASN B 1057 38.16 19.30 22.14
C ASN B 1057 37.69 19.29 23.58
N ASP B 1058 38.57 19.79 24.46
CA ASP B 1058 38.28 19.84 25.90
C ASP B 1058 37.42 21.03 26.28
N SER B 1059 37.25 22.01 25.40
CA SER B 1059 36.43 23.19 25.69
C SER B 1059 34.96 22.85 25.47
N CYS B 1060 34.44 22.00 26.35
CA CYS B 1060 33.08 21.50 26.23
C CYS B 1060 32.53 21.22 27.62
N CYS B 1061 31.31 21.73 27.89
CA CYS B 1061 30.65 21.42 29.15
C CYS B 1061 30.32 19.93 29.28
N SER B 1062 30.28 19.20 28.18
CA SER B 1062 30.08 17.77 28.19
C SER B 1062 30.89 17.15 27.07
N ARG B 1063 31.42 15.95 27.32
CA ARG B 1063 32.33 15.28 26.38
C ARG B 1063 31.59 14.25 25.53
N TRP B 1064 30.92 13.29 26.17
CA TRP B 1064 30.21 12.24 25.45
C TRP B 1064 28.81 12.70 25.08
N TRP B 1065 28.34 12.21 23.93
CA TRP B 1065 27.01 12.55 23.43
C TRP B 1065 26.47 11.39 22.62
N ASN B 1066 25.14 11.32 22.55
CA ASN B 1066 24.44 10.39 21.67
C ASN B 1066 23.82 11.15 20.51
N ARG B 1067 23.62 10.44 19.39
CA ARG B 1067 23.05 11.09 18.22
C ARG B 1067 21.65 11.63 18.52
N ASN B 1068 20.83 10.84 19.20
CA ASN B 1068 19.47 11.27 19.50
C ASN B 1068 19.47 12.46 20.45
N VAL B 1069 20.22 12.36 21.55
CA VAL B 1069 20.26 13.44 22.53
C VAL B 1069 20.82 14.71 21.89
N ALA B 1070 21.95 14.58 21.19
CA ALA B 1070 22.55 15.74 20.55
C ALA B 1070 21.66 16.30 19.45
N GLY B 1071 21.13 15.42 18.60
CA GLY B 1071 20.26 15.89 17.53
C GLY B 1071 18.97 16.49 18.05
N ALA B 1072 18.34 15.84 19.03
CA ALA B 1072 17.10 16.37 19.59
C ALA B 1072 17.34 17.70 20.28
N PHE B 1073 18.46 17.82 21.00
CA PHE B 1073 18.76 19.07 21.70
C PHE B 1073 18.89 20.23 20.71
N ASN B 1074 19.58 20.00 19.60
CA ASN B 1074 19.76 21.06 18.62
C ASN B 1074 18.44 21.52 18.02
N ILE B 1075 17.54 20.58 17.73
CA ILE B 1075 16.25 20.94 17.14
C ILE B 1075 15.46 21.80 18.12
N LEU B 1076 15.43 21.42 19.40
CA LEU B 1076 14.74 22.23 20.40
C LEU B 1076 15.40 23.60 20.54
N THR B 1077 16.74 23.64 20.52
CA THR B 1077 17.44 24.91 20.64
C THR B 1077 17.08 25.85 19.49
N ARG B 1078 17.03 25.33 18.26
CA ARG B 1078 16.66 26.16 17.12
C ARG B 1078 15.24 26.69 17.26
N LEU B 1079 14.32 25.86 17.77
CA LEU B 1079 12.96 26.32 18.02
C LEU B 1079 12.95 27.48 19.01
N LEU B 1080 13.75 27.39 20.06
CA LEU B 1080 13.86 28.46 21.04
C LEU B 1080 14.90 29.48 20.60
ZN ZN E . 31.35 21.34 21.88
#